data_8ROA
#
_entry.id   8ROA
#
_cell.length_a   189.311
_cell.length_b   65.278
_cell.length_c   105.762
_cell.angle_alpha   90.00
_cell.angle_beta   116.66
_cell.angle_gamma   90.00
#
_symmetry.space_group_name_H-M   'C 1 2 1'
#
loop_
_entity.id
_entity.type
_entity.pdbx_description
1 polymer 'Structural maintenance of chromosomes protein 1A'
2 polymer '64-kDa C-terminal product'
3 non-polymer "ADENOSINE-5'-DIPHOSPHATE"
4 water water
#
loop_
_entity_poly.entity_id
_entity_poly.type
_entity_poly.pdbx_seq_one_letter_code
_entity_poly.pdbx_strand_id
1 'polypeptide(L)'
;MGFLKLIEIENFKSYKGRQIIGPFQRFTAIIGPNGSGKSNLMDAISFVLGEKTSNLRVKTLRDLIHGAPVGKPAANRAFV
SMVYSEEGAEDRTFARVIVGGSSEYKINNKVVQLHEYSEELEKLGILIKARNFLVFQGAVESIAMKNPKERTALFEEISR
SGELAQEYDKRKKEMVKAEEDTQFNYHRKKNIAAERKEAKESSKHPTSLVPRGSDAQAEEEIKQEMNTLQQKLNEQQSVL
QRIAAPNMKAMEKLESVRDKFQETSDEFEAARKRAKKAKQAFEQIKKERFDRFNACFESVATNIDEIYKALSRNSSAQAF
LGPENPEEPYLDGINYNCVAPGKRFRPMDNLSGGEKTVAALALLFAIHSYKPAPFFVLDQIDAALDNTNIGKVANYIKEQ
STCNFQAIVISLKEEFYTKAESLIGVYPEQGDCVISKVLTFDLTKYPDANPNPNEQ
;
A,C
2 'polypeptide(L)'
;MKRTQQMLHGLQRALAKTGAESISLLELCRNTNRKQAAAKFYSFLVLKKQQAIELTQEEPYSDIIATPGPRFHGSLEVLF
Q
;
B,D
#
loop_
_chem_comp.id
_chem_comp.type
_chem_comp.name
_chem_comp.formula
ADP non-polymer ADENOSINE-5'-DIPHOSPHATE 'C10 H15 N5 O10 P2'
#
# COMPACT_ATOMS: atom_id res chain seq x y z
N GLY A 2 9.28 -30.74 12.80
CA GLY A 2 9.96 -29.46 12.84
C GLY A 2 9.30 -28.45 13.76
N PHE A 3 10.01 -27.35 14.03
CA PHE A 3 9.54 -26.44 15.06
C PHE A 3 10.11 -25.05 14.80
N LEU A 4 9.32 -24.04 15.15
CA LEU A 4 9.76 -22.66 14.93
C LEU A 4 10.62 -22.25 16.10
N LYS A 5 11.93 -22.16 15.90
CA LYS A 5 12.82 -21.95 17.03
C LYS A 5 12.84 -20.50 17.50
N LEU A 6 12.99 -19.56 16.58
CA LEU A 6 12.98 -18.16 16.99
C LEU A 6 12.64 -17.26 15.80
N ILE A 7 12.30 -16.02 16.13
CA ILE A 7 12.05 -14.98 15.12
C ILE A 7 13.10 -13.90 15.34
N GLU A 8 13.75 -13.49 14.26
CA GLU A 8 14.62 -12.32 14.31
C GLU A 8 13.95 -11.20 13.54
N ILE A 9 13.74 -10.05 14.19
CA ILE A 9 13.10 -8.88 13.57
C ILE A 9 14.11 -7.74 13.49
N GLU A 10 13.96 -6.90 12.46
CA GLU A 10 14.74 -5.67 12.36
C GLU A 10 13.89 -4.57 11.74
N ASN A 11 13.48 -3.60 12.56
CA ASN A 11 12.87 -2.36 12.09
C ASN A 11 11.55 -2.60 11.38
N PHE A 12 10.87 -3.68 11.76
CA PHE A 12 9.57 -4.00 11.24
C PHE A 12 8.54 -3.42 12.21
N LYS A 13 7.72 -2.50 11.72
CA LYS A 13 6.60 -1.90 12.49
C LYS A 13 7.17 -1.34 13.80
N SER A 14 6.61 -1.68 14.95
CA SER A 14 7.08 -1.10 16.20
C SER A 14 8.33 -1.80 16.73
N TYR A 15 8.86 -2.82 16.06
CA TYR A 15 10.08 -3.51 16.51
C TYR A 15 11.29 -2.78 15.93
N LYS A 16 11.62 -1.65 16.55
CA LYS A 16 12.77 -0.87 16.14
C LYS A 16 14.06 -1.63 16.41
N GLY A 17 15.05 -1.44 15.53
CA GLY A 17 16.31 -2.13 15.70
C GLY A 17 16.21 -3.64 15.48
N ARG A 18 17.28 -4.33 15.84
CA ARG A 18 17.40 -5.78 15.68
C ARG A 18 17.06 -6.48 17.00
N GLN A 19 16.07 -7.35 16.98
CA GLN A 19 15.61 -7.98 18.20
C GLN A 19 15.42 -9.46 17.93
N ILE A 20 15.62 -10.26 18.98
CA ILE A 20 15.51 -11.70 18.93
C ILE A 20 14.27 -12.09 19.73
N ILE A 21 13.35 -12.81 19.09
CA ILE A 21 12.05 -13.13 19.66
C ILE A 21 12.02 -14.62 19.94
N GLY A 22 11.87 -14.97 21.21
CA GLY A 22 12.03 -16.36 21.60
C GLY A 22 13.41 -16.56 22.22
N PRO A 23 13.97 -17.77 22.14
CA PRO A 23 13.50 -18.98 21.46
C PRO A 23 12.14 -19.42 21.95
N PHE A 24 11.41 -20.10 21.09
CA PHE A 24 10.10 -20.63 21.46
C PHE A 24 10.24 -21.98 22.14
N GLN A 25 9.28 -22.29 23.00
CA GLN A 25 9.12 -23.64 23.51
C GLN A 25 7.98 -24.29 22.73
N ARG A 26 7.58 -25.51 23.12
CA ARG A 26 6.52 -26.17 22.37
C ARG A 26 5.18 -25.48 22.59
N PHE A 27 4.99 -24.87 23.75
CA PHE A 27 3.82 -24.05 24.05
C PHE A 27 4.31 -22.71 24.60
N THR A 28 4.26 -21.67 23.76
CA THR A 28 4.66 -20.32 24.13
C THR A 28 3.47 -19.36 23.98
N ALA A 29 3.30 -18.48 24.94
CA ALA A 29 2.25 -17.48 24.89
C ALA A 29 2.87 -16.09 24.79
N ILE A 30 2.32 -15.27 23.89
CA ILE A 30 2.74 -13.89 23.71
C ILE A 30 1.74 -13.01 24.43
N ILE A 31 2.20 -12.28 25.45
CA ILE A 31 1.33 -11.49 26.31
C ILE A 31 1.88 -10.08 26.45
N GLY A 32 1.06 -9.21 27.01
CA GLY A 32 1.47 -7.86 27.29
C GLY A 32 0.30 -6.91 27.38
N PRO A 33 0.51 -5.75 28.01
CA PRO A 33 -0.56 -4.75 28.09
C PRO A 33 -0.88 -4.16 26.73
N ASN A 34 -2.04 -3.51 26.66
CA ASN A 34 -2.55 -3.04 25.38
C ASN A 34 -1.57 -2.08 24.70
N GLY A 35 -1.47 -2.21 23.38
CA GLY A 35 -0.67 -1.33 22.55
C GLY A 35 0.83 -1.46 22.69
N SER A 36 1.32 -2.59 23.16
CA SER A 36 2.76 -2.78 23.26
C SER A 36 3.35 -3.37 21.99
N GLY A 37 2.58 -4.14 21.22
CA GLY A 37 3.14 -4.75 20.03
C GLY A 37 2.78 -6.20 19.78
N LYS A 38 1.82 -6.74 20.54
CA LYS A 38 1.37 -8.12 20.32
C LYS A 38 0.91 -8.36 18.89
N SER A 39 -0.04 -7.57 18.40
CA SER A 39 -0.52 -7.81 17.05
C SER A 39 0.51 -7.44 15.96
N ASN A 40 1.48 -6.57 16.25
CA ASN A 40 2.53 -6.34 15.26
C ASN A 40 3.43 -7.55 15.15
N LEU A 41 3.64 -8.24 16.27
CA LEU A 41 4.43 -9.46 16.23
C LEU A 41 3.70 -10.51 15.41
N MET A 42 2.39 -10.56 15.56
CA MET A 42 1.57 -11.39 14.69
C MET A 42 1.79 -11.04 13.22
N ASP A 43 1.84 -9.74 12.90
CA ASP A 43 2.07 -9.38 11.52
C ASP A 43 3.46 -9.78 11.07
N ALA A 44 4.45 -9.69 11.97
CA ALA A 44 5.80 -10.14 11.67
C ALA A 44 5.80 -11.59 11.21
N ILE A 45 5.11 -12.46 11.98
CA ILE A 45 5.04 -13.87 11.62
C ILE A 45 4.33 -14.05 10.28
N SER A 46 3.16 -13.41 10.11
CA SER A 46 2.49 -13.48 8.81
C SER A 46 3.42 -13.01 7.71
N PHE A 47 4.18 -11.95 7.99
CA PHE A 47 5.02 -11.35 6.98
C PHE A 47 6.10 -12.31 6.50
N VAL A 48 6.79 -12.98 7.44
CA VAL A 48 7.84 -13.88 6.99
C VAL A 48 7.26 -15.11 6.29
N LEU A 49 6.02 -15.46 6.59
CA LEU A 49 5.34 -16.54 5.87
C LEU A 49 4.56 -16.04 4.65
N GLY A 50 4.89 -14.87 4.13
CA GLY A 50 4.46 -14.48 2.79
C GLY A 50 3.15 -13.73 2.70
N GLU A 51 2.53 -13.39 3.83
CA GLU A 51 1.28 -12.64 3.82
C GLU A 51 1.34 -11.45 2.86
N LYS A 52 0.26 -11.24 2.12
CA LYS A 52 0.16 -10.11 1.21
C LYS A 52 0.11 -8.80 1.98
N THR A 53 0.80 -7.79 1.46
CA THR A 53 0.98 -6.51 2.15
C THR A 53 -0.35 -5.95 2.65
N SER A 54 -1.42 -6.09 1.84
CA SER A 54 -2.71 -5.49 2.17
C SER A 54 -3.36 -6.14 3.38
N ASN A 55 -2.94 -7.34 3.75
CA ASN A 55 -3.40 -7.93 4.99
C ASN A 55 -2.53 -7.56 6.19
N LEU A 56 -1.51 -6.72 6.02
CA LEU A 56 -0.62 -6.33 7.10
C LEU A 56 -0.92 -4.92 7.64
N ARG A 57 -2.10 -4.40 7.31
CA ARG A 57 -2.57 -3.09 7.80
C ARG A 57 -1.69 -1.94 7.29
N VAL A 58 -1.14 -2.07 6.08
CA VAL A 58 -0.50 -0.97 5.41
C VAL A 58 -0.96 -0.95 3.95
N LYS A 59 -0.66 0.17 3.26
CA LYS A 59 -0.94 0.34 1.84
C LYS A 59 0.25 -0.04 0.96
N THR A 60 1.46 -0.01 1.49
CA THR A 60 2.61 -0.36 0.67
C THR A 60 3.71 -0.87 1.58
N LEU A 61 4.66 -1.58 0.96
CA LEU A 61 5.62 -2.39 1.70
C LEU A 61 6.48 -1.52 2.63
N ARG A 62 6.92 -0.35 2.15
CA ARG A 62 7.81 0.49 2.96
C ARG A 62 7.11 1.07 4.17
N ASP A 63 5.78 1.08 4.21
CA ASP A 63 5.11 1.54 5.41
C ASP A 63 5.27 0.57 6.59
N LEU A 64 5.77 -0.64 6.34
CA LEU A 64 6.07 -1.56 7.42
C LEU A 64 7.33 -1.19 8.18
N ILE A 65 8.22 -0.41 7.58
CA ILE A 65 9.46 -0.03 8.25
C ILE A 65 9.12 0.84 9.45
N HIS A 66 9.82 0.60 10.55
CA HIS A 66 9.61 1.37 11.78
C HIS A 66 9.77 2.85 11.52
N GLY A 67 8.80 3.62 12.01
CA GLY A 67 8.81 5.05 11.84
C GLY A 67 8.14 5.58 10.59
N ALA A 68 7.89 4.73 9.58
CA ALA A 68 7.21 5.20 8.38
C ALA A 68 5.85 5.83 8.64
N PRO A 69 4.96 5.30 9.50
CA PRO A 69 3.63 5.92 9.65
C PRO A 69 3.64 7.36 10.07
N VAL A 70 4.73 7.84 10.69
CA VAL A 70 4.84 9.23 11.10
C VAL A 70 5.76 10.02 10.18
N GLY A 71 6.19 9.42 9.08
CA GLY A 71 7.08 10.11 8.16
C GLY A 71 8.54 10.06 8.51
N LYS A 72 8.93 9.29 9.52
CA LYS A 72 10.32 9.24 9.99
C LYS A 72 10.81 7.80 10.00
N PRO A 73 10.93 7.17 8.82
CA PRO A 73 11.44 5.80 8.77
C PRO A 73 12.82 5.72 9.37
N ALA A 74 13.08 4.63 10.08
CA ALA A 74 14.33 4.50 10.79
C ALA A 74 15.43 3.85 9.96
N ALA A 75 15.12 3.33 8.78
CA ALA A 75 16.11 2.68 7.94
C ALA A 75 15.53 2.57 6.54
N ASN A 76 16.40 2.28 5.57
CA ASN A 76 15.98 2.02 4.19
CA ASN A 76 15.99 2.03 4.20
C ASN A 76 15.62 0.57 3.97
N ARG A 77 15.56 -0.23 5.03
CA ARG A 77 15.58 -1.67 4.92
CA ARG A 77 15.59 -1.67 4.94
C ARG A 77 15.07 -2.24 6.24
N ALA A 78 14.29 -3.32 6.15
CA ALA A 78 13.78 -4.00 7.33
C ALA A 78 13.64 -5.47 6.99
N PHE A 79 13.55 -6.31 8.02
CA PHE A 79 13.28 -7.71 7.70
C PHE A 79 12.72 -8.46 8.89
N VAL A 80 12.14 -9.61 8.58
CA VAL A 80 11.82 -10.63 9.54
C VAL A 80 12.43 -11.94 9.04
N SER A 81 13.03 -12.70 9.94
CA SER A 81 13.55 -14.02 9.65
C SER A 81 12.99 -15.03 10.64
N MET A 82 12.78 -16.24 10.17
CA MET A 82 12.30 -17.33 11.01
C MET A 82 13.33 -18.44 10.97
N VAL A 83 13.77 -18.89 12.14
CA VAL A 83 14.68 -20.04 12.23
C VAL A 83 13.84 -21.29 12.46
N TYR A 84 13.90 -22.20 11.49
CA TYR A 84 13.14 -23.45 11.53
C TYR A 84 14.09 -24.62 11.76
N SER A 85 13.77 -25.45 12.74
CA SER A 85 14.66 -26.54 13.13
C SER A 85 13.92 -27.86 13.00
N GLU A 86 14.60 -28.84 12.40
CA GLU A 86 14.13 -30.21 12.29
C GLU A 86 15.18 -31.14 12.91
N GLU A 87 14.76 -31.88 13.94
CA GLU A 87 15.60 -32.93 14.52
C GLU A 87 16.26 -33.78 13.45
N GLY A 88 17.58 -33.75 13.42
CA GLY A 88 18.39 -34.47 12.46
C GLY A 88 19.08 -33.59 11.45
N ALA A 89 18.61 -32.37 11.27
CA ALA A 89 19.12 -31.49 10.25
C ALA A 89 19.59 -30.21 10.92
N GLU A 90 20.50 -29.50 10.24
CA GLU A 90 20.84 -28.17 10.68
C GLU A 90 19.61 -27.26 10.61
N ASP A 91 19.70 -26.10 11.25
CA ASP A 91 18.61 -25.13 11.24
C ASP A 91 18.49 -24.47 9.88
N ARG A 92 17.26 -24.12 9.50
CA ARG A 92 17.02 -23.38 8.27
C ARG A 92 16.41 -22.02 8.60
N THR A 93 16.95 -20.99 7.97
CA THR A 93 16.49 -19.63 8.16
C THR A 93 15.69 -19.19 6.93
N PHE A 94 14.44 -18.81 7.16
CA PHE A 94 13.62 -18.19 6.13
C PHE A 94 13.48 -16.71 6.45
N ALA A 95 13.81 -15.85 5.48
CA ALA A 95 13.74 -14.40 5.69
C ALA A 95 13.07 -13.70 4.52
N ARG A 96 12.31 -12.64 4.86
CA ARG A 96 11.76 -11.69 3.89
C ARG A 96 12.35 -10.34 4.25
N VAL A 97 13.10 -9.75 3.32
CA VAL A 97 13.72 -8.44 3.48
C VAL A 97 13.01 -7.41 2.61
N ILE A 98 12.80 -6.22 3.17
CA ILE A 98 12.27 -5.07 2.45
C ILE A 98 13.45 -4.32 1.84
N VAL A 99 13.60 -4.43 0.52
CA VAL A 99 14.72 -3.82 -0.18
C VAL A 99 14.18 -2.99 -1.33
N GLY A 100 14.42 -1.69 -1.29
CA GLY A 100 13.87 -0.79 -2.28
C GLY A 100 12.40 -0.98 -2.60
N GLY A 101 11.55 -1.07 -1.58
CA GLY A 101 10.13 -1.21 -1.86
C GLY A 101 9.66 -2.52 -2.50
N SER A 102 10.49 -3.55 -2.56
CA SER A 102 9.95 -4.88 -2.86
C SER A 102 10.57 -5.91 -1.92
N SER A 103 9.97 -7.08 -1.90
CA SER A 103 10.34 -8.15 -0.97
C SER A 103 11.45 -8.99 -1.56
N GLU A 104 12.50 -9.19 -0.79
CA GLU A 104 13.53 -10.16 -1.13
C GLU A 104 13.35 -11.36 -0.21
N TYR A 105 13.26 -12.53 -0.80
CA TYR A 105 13.15 -13.73 -0.01
C TYR A 105 14.48 -14.44 0.05
N LYS A 106 14.81 -14.98 1.22
CA LYS A 106 16.06 -15.71 1.37
C LYS A 106 15.81 -16.96 2.20
N ILE A 107 16.46 -18.03 1.80
CA ILE A 107 16.55 -19.25 2.59
C ILE A 107 18.03 -19.46 2.90
N ASN A 108 18.37 -19.51 4.19
CA ASN A 108 19.76 -19.68 4.63
C ASN A 108 20.70 -18.70 3.93
N ASN A 109 20.21 -17.47 3.74
CA ASN A 109 20.99 -16.42 3.09
C ASN A 109 21.35 -16.78 1.65
N LYS A 110 20.38 -17.32 0.93
CA LYS A 110 20.43 -17.40 -0.52
C LYS A 110 19.13 -16.81 -1.04
N VAL A 111 19.24 -15.72 -1.80
CA VAL A 111 18.05 -15.11 -2.37
C VAL A 111 17.36 -16.12 -3.25
N VAL A 112 16.04 -16.21 -3.10
CA VAL A 112 15.23 -17.09 -3.91
C VAL A 112 14.02 -16.31 -4.36
N GLN A 113 13.30 -16.87 -5.32
CA GLN A 113 12.06 -16.24 -5.74
C GLN A 113 10.91 -16.73 -4.86
N LEU A 114 9.78 -16.01 -4.94
CA LEU A 114 8.65 -16.37 -4.11
C LEU A 114 8.19 -17.81 -4.35
N HIS A 115 8.34 -18.31 -5.58
CA HIS A 115 7.90 -19.67 -5.86
CA HIS A 115 7.91 -19.68 -5.87
C HIS A 115 8.74 -20.68 -5.09
N GLU A 116 10.07 -20.54 -5.11
CA GLU A 116 10.91 -21.45 -4.36
C GLU A 116 10.65 -21.35 -2.86
N TYR A 117 10.54 -20.11 -2.34
CA TYR A 117 10.27 -19.89 -0.92
C TYR A 117 8.98 -20.58 -0.51
N SER A 118 7.92 -20.42 -1.29
CA SER A 118 6.64 -21.06 -0.99
C SER A 118 6.76 -22.57 -1.03
N GLU A 119 7.51 -23.07 -2.03
CA GLU A 119 7.59 -24.50 -2.26
C GLU A 119 8.38 -25.18 -1.13
N GLU A 120 9.49 -24.59 -0.73
CA GLU A 120 10.26 -25.14 0.39
C GLU A 120 9.48 -25.09 1.69
N LEU A 121 8.63 -24.07 1.85
CA LEU A 121 7.79 -24.01 3.04
C LEU A 121 6.71 -25.08 3.00
N GLU A 122 6.14 -25.32 1.81
CA GLU A 122 5.13 -26.35 1.68
C GLU A 122 5.70 -27.71 2.06
N LYS A 123 6.88 -28.05 1.54
CA LYS A 123 7.51 -29.33 1.87
C LYS A 123 7.62 -29.54 3.37
N LEU A 124 7.70 -28.47 4.15
CA LEU A 124 7.71 -28.59 5.61
C LEU A 124 6.31 -28.64 6.20
N GLY A 125 5.29 -28.68 5.35
CA GLY A 125 3.93 -28.58 5.81
C GLY A 125 3.45 -27.19 6.12
N ILE A 126 4.15 -26.14 5.65
CA ILE A 126 3.71 -24.77 5.87
C ILE A 126 3.10 -24.27 4.58
N LEU A 127 1.83 -23.91 4.61
CA LEU A 127 1.11 -23.56 3.37
C LEU A 127 0.75 -22.07 3.42
N ILE A 128 1.50 -21.25 2.68
CA ILE A 128 1.37 -19.82 2.89
C ILE A 128 0.10 -19.27 2.26
N LYS A 129 -0.36 -19.85 1.14
CA LYS A 129 -1.63 -19.40 0.56
C LYS A 129 -2.81 -19.87 1.40
N ALA A 130 -2.79 -21.12 1.86
CA ALA A 130 -3.91 -21.60 2.66
C ALA A 130 -3.90 -21.03 4.07
N ARG A 131 -2.72 -20.78 4.64
CA ARG A 131 -2.58 -20.30 6.02
C ARG A 131 -2.96 -21.37 7.03
N ASN A 132 -2.55 -22.60 6.76
CA ASN A 132 -2.87 -23.70 7.67
C ASN A 132 -2.34 -23.46 9.08
N PHE A 133 -1.30 -22.62 9.23
CA PHE A 133 -0.64 -22.43 10.52
C PHE A 133 -1.36 -21.43 11.42
N LEU A 134 -2.44 -20.81 10.97
CA LEU A 134 -2.96 -19.62 11.62
C LEU A 134 -4.43 -19.78 12.00
N VAL A 135 -4.75 -19.46 13.25
CA VAL A 135 -6.13 -19.29 13.69
C VAL A 135 -6.33 -17.83 14.04
N PHE A 136 -7.12 -17.13 13.21
CA PHE A 136 -7.40 -15.71 13.40
C PHE A 136 -8.41 -15.50 14.52
N GLN A 137 -8.52 -14.25 14.96
CA GLN A 137 -9.59 -13.95 15.92
C GLN A 137 -10.93 -14.04 15.22
N GLY A 138 -11.94 -14.42 15.99
CA GLY A 138 -13.25 -14.68 15.43
C GLY A 138 -13.35 -15.98 14.66
N ALA A 139 -12.24 -16.72 14.47
CA ALA A 139 -12.29 -17.97 13.73
C ALA A 139 -13.31 -18.92 14.32
N VAL A 140 -13.39 -18.96 15.65
CA VAL A 140 -14.40 -19.75 16.34
C VAL A 140 -15.79 -19.30 15.94
N GLU A 141 -16.12 -18.04 16.27
CA GLU A 141 -17.44 -17.53 15.95
C GLU A 141 -17.78 -17.71 14.47
N SER A 142 -16.77 -17.61 13.59
CA SER A 142 -17.02 -17.85 12.18
CA SER A 142 -17.03 -17.86 12.18
C SER A 142 -17.46 -19.30 11.95
N ILE A 143 -16.74 -20.24 12.57
CA ILE A 143 -17.10 -21.66 12.47
C ILE A 143 -18.48 -21.88 13.08
N ALA A 144 -18.67 -21.43 14.32
CA ALA A 144 -19.91 -21.70 15.05
C ALA A 144 -21.15 -21.25 14.31
N MET A 145 -21.01 -20.39 13.28
CA MET A 145 -22.15 -19.84 12.57
C MET A 145 -22.48 -20.56 11.27
N LYS A 146 -21.67 -21.53 10.84
CA LYS A 146 -21.87 -22.15 9.54
C LYS A 146 -22.87 -23.29 9.60
N ASN A 147 -23.77 -23.34 8.63
CA ASN A 147 -24.74 -24.40 8.52
C ASN A 147 -24.15 -25.55 7.72
N PRO A 148 -24.85 -26.70 7.61
CA PRO A 148 -24.28 -27.84 6.88
C PRO A 148 -23.76 -27.49 5.51
N LYS A 149 -24.46 -26.62 4.80
CA LYS A 149 -24.06 -26.30 3.44
C LYS A 149 -22.81 -25.44 3.42
N GLU A 150 -22.71 -24.48 4.36
CA GLU A 150 -21.50 -23.69 4.50
C GLU A 150 -20.33 -24.53 4.98
N ARG A 151 -20.59 -25.59 5.74
CA ARG A 151 -19.50 -26.49 6.12
C ARG A 151 -18.97 -27.23 4.90
N THR A 152 -19.87 -27.68 4.02
CA THR A 152 -19.45 -28.27 2.76
C THR A 152 -18.57 -27.32 1.97
N ALA A 153 -19.01 -26.05 1.86
CA ALA A 153 -18.24 -25.06 1.13
C ALA A 153 -16.83 -24.93 1.69
N LEU A 154 -16.72 -24.76 3.02
CA LEU A 154 -15.42 -24.74 3.65
C LEU A 154 -14.62 -25.99 3.30
N PHE A 155 -15.27 -27.17 3.36
CA PHE A 155 -14.58 -28.39 2.97
C PHE A 155 -14.26 -28.40 1.49
N GLU A 156 -15.10 -27.80 0.66
CA GLU A 156 -14.77 -27.67 -0.75
C GLU A 156 -13.50 -26.87 -0.95
N GLU A 157 -13.34 -25.78 -0.21
CA GLU A 157 -12.14 -24.95 -0.37
C GLU A 157 -10.89 -25.68 0.12
N ILE A 158 -10.92 -26.16 1.36
CA ILE A 158 -9.72 -26.74 1.95
C ILE A 158 -9.33 -28.03 1.25
N SER A 159 -10.31 -28.85 0.89
CA SER A 159 -9.99 -30.07 0.14
C SER A 159 -9.57 -29.74 -1.28
N ARG A 160 -10.04 -28.60 -1.81
CA ARG A 160 -9.86 -28.13 -3.18
C ARG A 160 -10.68 -28.93 -4.18
N SER A 161 -11.58 -29.80 -3.71
CA SER A 161 -12.60 -30.31 -4.61
C SER A 161 -13.39 -29.16 -5.23
N GLY A 162 -13.54 -28.06 -4.48
CA GLY A 162 -14.16 -26.86 -5.01
C GLY A 162 -13.49 -26.32 -6.26
N GLU A 163 -12.25 -26.75 -6.54
CA GLU A 163 -11.62 -26.36 -7.79
C GLU A 163 -12.20 -27.15 -8.97
N LEU A 164 -12.27 -28.48 -8.82
CA LEU A 164 -12.87 -29.34 -9.83
C LEU A 164 -14.36 -29.06 -9.99
N ALA A 165 -14.87 -28.04 -9.30
CA ALA A 165 -16.30 -27.78 -9.28
C ALA A 165 -16.78 -27.24 -10.62
N GLN A 166 -16.09 -26.25 -11.18
CA GLN A 166 -16.51 -25.69 -12.47
C GLN A 166 -16.40 -26.74 -13.57
N GLU A 167 -15.28 -27.46 -13.62
CA GLU A 167 -15.12 -28.56 -14.56
C GLU A 167 -16.12 -29.68 -14.31
N TYR A 168 -16.67 -29.76 -13.09
CA TYR A 168 -17.60 -30.83 -12.74
C TYR A 168 -18.85 -30.78 -13.58
N ASP A 169 -19.78 -29.88 -13.24
CA ASP A 169 -21.03 -29.82 -13.98
C ASP A 169 -20.83 -29.43 -15.44
N LYS A 170 -19.61 -29.07 -15.84
CA LYS A 170 -19.31 -28.96 -17.26
C LYS A 170 -19.67 -30.24 -17.99
N ARG A 171 -19.37 -31.39 -17.40
CA ARG A 171 -19.59 -32.68 -18.04
C ARG A 171 -20.99 -33.24 -17.81
N LYS A 172 -22.00 -32.37 -17.83
CA LYS A 172 -23.40 -32.78 -17.82
C LYS A 172 -24.28 -31.71 -18.45
N ALA A 281 -20.12 -40.70 -19.27
CA ALA A 281 -19.16 -41.12 -18.26
C ALA A 281 -18.31 -39.95 -17.78
N PHE A 282 -18.93 -39.04 -17.03
CA PHE A 282 -18.22 -37.95 -16.37
C PHE A 282 -17.75 -38.31 -14.97
N GLU A 283 -17.93 -39.58 -14.55
CA GLU A 283 -17.44 -40.01 -13.26
C GLU A 283 -15.94 -39.88 -13.14
N GLN A 284 -15.24 -39.71 -14.27
CA GLN A 284 -13.79 -39.50 -14.21
C GLN A 284 -13.43 -38.34 -13.29
N ILE A 285 -14.23 -37.27 -13.31
CA ILE A 285 -14.02 -36.13 -12.42
C ILE A 285 -14.97 -36.22 -11.23
N LYS A 286 -16.16 -36.78 -11.44
CA LYS A 286 -17.05 -37.01 -10.31
C LYS A 286 -16.41 -37.94 -9.28
N LYS A 287 -15.65 -38.93 -9.74
CA LYS A 287 -14.88 -39.74 -8.80
C LYS A 287 -13.76 -38.95 -8.15
N GLU A 288 -13.16 -38.01 -8.86
CA GLU A 288 -12.00 -37.37 -8.26
C GLU A 288 -12.37 -36.11 -7.48
N ARG A 289 -13.44 -35.41 -7.83
CA ARG A 289 -13.95 -34.41 -6.90
C ARG A 289 -14.38 -35.07 -5.60
N PHE A 290 -15.05 -36.22 -5.72
CA PHE A 290 -15.35 -37.07 -4.56
C PHE A 290 -14.09 -37.38 -3.77
N ASP A 291 -13.12 -38.04 -4.41
CA ASP A 291 -11.94 -38.51 -3.67
C ASP A 291 -11.15 -37.36 -3.09
N ARG A 292 -11.17 -36.18 -3.74
CA ARG A 292 -10.47 -35.02 -3.22
C ARG A 292 -11.22 -34.38 -2.05
N PHE A 293 -12.55 -34.46 -2.05
CA PHE A 293 -13.31 -34.00 -0.91
C PHE A 293 -13.17 -34.96 0.27
N ASN A 294 -13.08 -36.27 0.00
CA ASN A 294 -12.97 -37.22 1.10
C ASN A 294 -11.55 -37.32 1.66
N ALA A 295 -10.54 -37.04 0.83
CA ALA A 295 -9.18 -37.05 1.36
C ALA A 295 -9.07 -36.12 2.56
N CYS A 296 -9.85 -35.05 2.56
CA CYS A 296 -9.89 -34.08 3.65
C CYS A 296 -10.99 -34.38 4.65
N PHE A 297 -12.22 -34.49 4.17
CA PHE A 297 -13.36 -34.57 5.08
C PHE A 297 -13.26 -35.78 6.00
N GLU A 298 -12.90 -36.94 5.46
CA GLU A 298 -12.93 -38.16 6.25
C GLU A 298 -11.90 -38.14 7.36
N SER A 299 -10.76 -37.45 7.15
CA SER A 299 -9.77 -37.31 8.21
C SER A 299 -10.31 -36.43 9.32
N VAL A 300 -10.95 -35.32 8.96
CA VAL A 300 -11.59 -34.50 9.96
C VAL A 300 -12.65 -35.32 10.71
N ALA A 301 -13.48 -36.06 9.96
CA ALA A 301 -14.54 -36.86 10.55
C ALA A 301 -13.98 -37.91 11.49
N THR A 302 -12.88 -38.53 11.11
CA THR A 302 -12.24 -39.51 11.99
C THR A 302 -11.80 -38.90 13.31
N ASN A 303 -11.34 -37.63 13.29
CA ASN A 303 -10.65 -37.09 14.45
C ASN A 303 -11.55 -36.28 15.38
N ILE A 304 -12.72 -35.83 14.91
CA ILE A 304 -13.46 -34.82 15.64
C ILE A 304 -13.99 -35.37 16.97
N ASP A 305 -14.30 -36.68 17.02
CA ASP A 305 -14.86 -37.23 18.24
C ASP A 305 -13.85 -37.19 19.38
N GLU A 306 -12.63 -37.64 19.10
CA GLU A 306 -11.60 -37.62 20.13
C GLU A 306 -11.24 -36.19 20.52
N ILE A 307 -11.20 -35.27 19.55
CA ILE A 307 -10.91 -33.88 19.88
C ILE A 307 -12.01 -33.34 20.78
N TYR A 308 -13.26 -33.71 20.49
CA TYR A 308 -14.36 -33.13 21.25
C TYR A 308 -14.40 -33.67 22.66
N LYS A 309 -14.04 -34.95 22.86
CA LYS A 309 -13.87 -35.45 24.21
C LYS A 309 -12.76 -34.69 24.92
N ALA A 310 -11.60 -34.56 24.28
CA ALA A 310 -10.46 -33.89 24.88
C ALA A 310 -10.82 -32.49 25.33
N LEU A 311 -11.42 -31.70 24.42
CA LEU A 311 -11.84 -30.35 24.79
C LEU A 311 -12.85 -30.40 25.93
N SER A 312 -13.90 -31.20 25.78
CA SER A 312 -14.90 -31.31 26.83
C SER A 312 -14.33 -31.87 28.13
N ARG A 313 -13.19 -32.58 28.07
CA ARG A 313 -12.58 -33.22 29.23
C ARG A 313 -13.59 -34.11 29.93
N ASN A 314 -14.10 -35.06 29.16
CA ASN A 314 -15.27 -35.85 29.51
C ASN A 314 -15.45 -36.95 28.47
N SER A 315 -15.25 -38.20 28.87
CA SER A 315 -15.33 -39.29 27.91
C SER A 315 -16.74 -39.55 27.40
N SER A 316 -17.76 -38.94 27.98
CA SER A 316 -19.12 -39.18 27.49
C SER A 316 -19.55 -38.17 26.43
N ALA A 317 -18.81 -37.09 26.23
CA ALA A 317 -19.03 -36.25 25.07
C ALA A 317 -18.83 -37.05 23.79
N GLN A 318 -19.57 -36.68 22.75
CA GLN A 318 -19.46 -37.38 21.47
CA GLN A 318 -19.47 -37.39 21.47
C GLN A 318 -19.78 -36.42 20.35
N ALA A 319 -19.17 -36.68 19.19
CA ALA A 319 -19.35 -35.84 18.01
C ALA A 319 -19.31 -36.71 16.76
N PHE A 320 -20.12 -36.33 15.78
CA PHE A 320 -20.18 -37.05 14.52
C PHE A 320 -20.28 -36.04 13.40
N LEU A 321 -19.53 -36.30 12.32
CA LEU A 321 -19.61 -35.52 11.09
C LEU A 321 -20.02 -36.45 9.97
N GLY A 322 -21.10 -36.10 9.27
CA GLY A 322 -21.62 -36.96 8.23
C GLY A 322 -22.11 -36.22 7.01
N PRO A 323 -21.82 -36.79 5.84
CA PRO A 323 -22.39 -36.26 4.60
C PRO A 323 -23.90 -36.49 4.56
N GLU A 324 -24.62 -35.48 4.05
CA GLU A 324 -26.04 -35.68 3.79
C GLU A 324 -26.24 -36.56 2.56
N ASN A 325 -25.42 -36.36 1.54
CA ASN A 325 -25.40 -37.22 0.36
C ASN A 325 -24.14 -38.06 0.42
N PRO A 326 -24.22 -39.29 0.92
CA PRO A 326 -23.01 -40.13 1.00
C PRO A 326 -22.38 -40.40 -0.35
N GLU A 327 -23.12 -40.23 -1.45
CA GLU A 327 -22.53 -40.50 -2.76
C GLU A 327 -21.75 -39.29 -3.27
N GLU A 328 -22.37 -38.12 -3.29
CA GLU A 328 -21.73 -36.88 -3.72
C GLU A 328 -21.83 -35.88 -2.56
N PRO A 329 -20.91 -35.97 -1.60
CA PRO A 329 -21.02 -35.16 -0.38
C PRO A 329 -20.94 -33.67 -0.65
N TYR A 330 -20.21 -33.27 -1.69
CA TYR A 330 -20.10 -31.87 -2.07
C TYR A 330 -21.44 -31.30 -2.49
N LEU A 331 -22.35 -32.16 -2.97
CA LEU A 331 -23.66 -31.68 -3.40
C LEU A 331 -24.53 -31.23 -2.24
N ASP A 332 -24.22 -31.65 -1.02
CA ASP A 332 -25.13 -31.43 0.10
C ASP A 332 -24.36 -30.93 1.31
N GLY A 333 -25.13 -30.61 2.37
CA GLY A 333 -24.54 -30.12 3.59
C GLY A 333 -23.76 -31.19 4.33
N ILE A 334 -23.04 -30.74 5.35
CA ILE A 334 -22.33 -31.65 6.24
C ILE A 334 -22.97 -31.56 7.61
N ASN A 335 -23.65 -32.63 8.01
CA ASN A 335 -24.29 -32.67 9.32
C ASN A 335 -23.25 -32.85 10.43
N TYR A 336 -23.49 -32.13 11.53
CA TYR A 336 -22.61 -32.11 12.69
C TYR A 336 -23.48 -32.37 13.91
N ASN A 337 -23.30 -33.51 14.56
CA ASN A 337 -24.08 -33.82 15.74
C ASN A 337 -23.17 -33.97 16.96
N CYS A 338 -23.67 -33.53 18.10
CA CYS A 338 -22.91 -33.59 19.35
C CYS A 338 -23.75 -34.14 20.48
N VAL A 339 -23.16 -35.06 21.23
CA VAL A 339 -23.65 -35.41 22.55
C VAL A 339 -22.84 -34.54 23.51
N ALA A 340 -23.42 -33.40 23.86
CA ALA A 340 -22.81 -32.56 24.87
C ALA A 340 -22.87 -33.28 26.21
N PRO A 341 -21.89 -33.06 27.08
CA PRO A 341 -21.93 -33.69 28.40
C PRO A 341 -23.27 -33.45 29.10
N GLY A 342 -23.91 -34.54 29.52
CA GLY A 342 -25.18 -34.48 30.23
C GLY A 342 -26.40 -34.25 29.38
N LYS A 343 -26.25 -34.23 28.05
CA LYS A 343 -27.38 -33.98 27.16
C LYS A 343 -27.54 -35.15 26.20
N ARG A 344 -28.40 -34.99 25.22
CA ARG A 344 -28.66 -36.02 24.23
C ARG A 344 -28.29 -35.46 22.87
N PHE A 345 -28.03 -36.36 21.92
CA PHE A 345 -27.48 -35.92 20.64
C PHE A 345 -28.40 -34.90 20.00
N ARG A 346 -27.81 -33.77 19.62
CA ARG A 346 -28.47 -32.68 18.93
CA ARG A 346 -28.49 -32.71 18.89
C ARG A 346 -27.62 -32.29 17.72
N PRO A 347 -28.22 -31.66 16.71
CA PRO A 347 -27.39 -31.02 15.70
C PRO A 347 -26.68 -29.84 16.33
N MET A 348 -25.41 -29.65 15.95
CA MET A 348 -24.60 -28.62 16.56
C MET A 348 -25.26 -27.24 16.48
N ASP A 349 -25.97 -26.96 15.37
CA ASP A 349 -26.61 -25.65 15.16
C ASP A 349 -27.68 -25.34 16.18
N ASN A 350 -28.19 -26.35 16.87
CA ASN A 350 -29.17 -26.09 17.91
C ASN A 350 -28.53 -25.97 19.27
N LEU A 351 -27.21 -26.04 19.37
CA LEU A 351 -26.59 -25.92 20.67
C LEU A 351 -26.62 -24.46 21.14
N SER A 352 -26.16 -24.29 22.38
CA SER A 352 -26.48 -23.12 23.18
C SER A 352 -25.20 -22.53 23.73
N GLY A 353 -25.01 -21.23 23.53
CA GLY A 353 -23.90 -20.49 24.07
C GLY A 353 -22.61 -21.27 24.26
N GLY A 354 -22.35 -21.67 25.51
CA GLY A 354 -21.08 -22.29 25.82
C GLY A 354 -20.94 -23.67 25.20
N GLU A 355 -22.01 -24.46 25.21
CA GLU A 355 -21.94 -25.77 24.57
C GLU A 355 -21.67 -25.65 23.08
N LYS A 356 -22.36 -24.72 22.40
CA LYS A 356 -22.04 -24.49 20.99
C LYS A 356 -20.59 -24.07 20.79
N THR A 357 -20.01 -23.31 21.72
CA THR A 357 -18.63 -22.83 21.57
C THR A 357 -17.65 -24.01 21.56
N VAL A 358 -17.84 -24.95 22.49
CA VAL A 358 -16.94 -26.09 22.54
C VAL A 358 -17.01 -26.90 21.24
N ALA A 359 -18.23 -27.15 20.74
CA ALA A 359 -18.35 -27.90 19.50
C ALA A 359 -17.73 -27.14 18.33
N ALA A 360 -17.93 -25.84 18.28
CA ALA A 360 -17.25 -25.03 17.28
C ALA A 360 -15.75 -25.25 17.39
N LEU A 361 -15.23 -25.17 18.61
CA LEU A 361 -13.79 -25.34 18.80
C LEU A 361 -13.33 -26.72 18.33
N ALA A 362 -14.07 -27.77 18.70
CA ALA A 362 -13.73 -29.10 18.22
C ALA A 362 -13.73 -29.16 16.70
N LEU A 363 -14.73 -28.56 16.06
CA LEU A 363 -14.73 -28.58 14.61
C LEU A 363 -13.54 -27.82 14.05
N LEU A 364 -13.18 -26.70 14.70
CA LEU A 364 -12.05 -25.90 14.23
C LEU A 364 -10.76 -26.71 14.27
N PHE A 365 -10.42 -27.27 15.43
CA PHE A 365 -9.20 -28.06 15.53
C PHE A 365 -9.25 -29.29 14.63
N ALA A 366 -10.43 -29.86 14.41
CA ALA A 366 -10.44 -31.04 13.56
C ALA A 366 -10.20 -30.67 12.10
N ILE A 367 -10.65 -29.48 11.67
CA ILE A 367 -10.25 -28.99 10.35
C ILE A 367 -8.74 -28.91 10.25
N HIS A 368 -8.08 -28.43 11.30
CA HIS A 368 -6.64 -28.27 11.22
C HIS A 368 -5.86 -29.55 11.47
N SER A 369 -6.51 -30.63 11.89
CA SER A 369 -5.76 -31.87 12.02
C SER A 369 -5.54 -32.57 10.68
N TYR A 370 -6.05 -32.01 9.60
CA TYR A 370 -5.83 -32.55 8.26
C TYR A 370 -4.74 -31.73 7.60
N LYS A 371 -3.64 -32.39 7.26
CA LYS A 371 -2.42 -31.71 6.81
C LYS A 371 -2.07 -30.58 7.78
N PRO A 372 -1.78 -30.89 9.04
CA PRO A 372 -1.46 -29.85 10.01
C PRO A 372 -0.11 -29.22 9.71
N ALA A 373 0.01 -27.96 10.08
CA ALA A 373 1.27 -27.22 10.11
C ALA A 373 2.10 -27.64 11.31
N PRO A 374 3.44 -27.67 11.18
CA PRO A 374 4.28 -27.98 12.34
C PRO A 374 4.02 -27.09 13.54
N PHE A 375 3.63 -25.85 13.31
CA PHE A 375 3.32 -24.95 14.41
C PHE A 375 2.03 -24.21 14.09
N PHE A 376 1.36 -23.78 15.14
CA PHE A 376 -0.01 -23.28 15.08
C PHE A 376 -0.05 -21.97 15.85
N VAL A 377 -0.33 -20.87 15.14
CA VAL A 377 -0.38 -19.54 15.73
C VAL A 377 -1.83 -19.24 16.07
N LEU A 378 -2.16 -19.17 17.36
CA LEU A 378 -3.52 -18.89 17.80
C LEU A 378 -3.60 -17.45 18.30
N ASP A 379 -4.36 -16.63 17.58
CA ASP A 379 -4.51 -15.21 17.87
C ASP A 379 -5.78 -14.97 18.67
N GLN A 380 -5.64 -14.88 19.98
CA GLN A 380 -6.74 -14.53 20.88
C GLN A 380 -7.98 -15.37 20.60
N ILE A 381 -7.74 -16.68 20.58
CA ILE A 381 -8.83 -17.65 20.45
C ILE A 381 -9.63 -17.77 21.73
N ASP A 382 -9.26 -17.04 22.79
CA ASP A 382 -9.96 -17.10 24.06
C ASP A 382 -10.73 -15.81 24.38
N ALA A 383 -10.80 -14.89 23.42
CA ALA A 383 -11.64 -13.71 23.63
C ALA A 383 -13.10 -14.09 23.75
N ALA A 384 -13.49 -15.23 23.20
CA ALA A 384 -14.83 -15.77 23.37
C ALA A 384 -14.79 -17.07 24.15
N LEU A 385 -14.25 -17.03 25.36
CA LEU A 385 -14.32 -18.18 26.25
C LEU A 385 -15.02 -17.76 27.53
N ASP A 386 -14.71 -18.45 28.63
CA ASP A 386 -15.26 -18.18 29.95
C ASP A 386 -14.56 -19.12 30.91
N ASN A 387 -14.60 -18.80 32.19
CA ASN A 387 -13.85 -19.62 33.14
C ASN A 387 -14.33 -21.07 33.14
N THR A 388 -15.59 -21.33 32.74
CA THR A 388 -16.13 -22.69 32.77
C THR A 388 -15.57 -23.60 31.68
N ASN A 389 -14.65 -23.13 30.84
CA ASN A 389 -14.08 -24.01 29.82
C ASN A 389 -12.69 -23.58 29.35
N ILE A 390 -12.32 -22.32 29.61
CA ILE A 390 -11.11 -21.74 29.06
C ILE A 390 -9.87 -22.56 29.43
N GLY A 391 -9.89 -23.22 30.59
CA GLY A 391 -8.76 -24.03 30.97
C GLY A 391 -8.72 -25.40 30.33
N LYS A 392 -9.84 -25.88 29.82
CA LYS A 392 -9.83 -27.16 29.11
C LYS A 392 -9.35 -26.97 27.67
N VAL A 393 -9.70 -25.84 27.05
CA VAL A 393 -9.02 -25.42 25.83
C VAL A 393 -7.51 -25.28 26.08
N ALA A 394 -7.15 -24.56 27.15
CA ALA A 394 -5.74 -24.39 27.46
C ALA A 394 -5.08 -25.73 27.77
N ASN A 395 -5.74 -26.58 28.56
CA ASN A 395 -5.14 -27.88 28.84
C ASN A 395 -5.06 -28.74 27.58
N TYR A 396 -6.01 -28.57 26.65
CA TYR A 396 -5.93 -29.29 25.38
C TYR A 396 -4.69 -28.88 24.60
N ILE A 397 -4.50 -27.57 24.45
CA ILE A 397 -3.32 -27.04 23.76
C ILE A 397 -2.06 -27.58 24.43
N LYS A 398 -1.97 -27.43 25.75
CA LYS A 398 -0.80 -27.94 26.45
C LYS A 398 -0.57 -29.40 26.13
N GLU A 399 -1.63 -30.20 26.11
CA GLU A 399 -1.49 -31.63 25.86
C GLU A 399 -1.02 -31.89 24.44
N GLN A 400 -1.58 -31.17 23.47
CA GLN A 400 -1.21 -31.36 22.07
C GLN A 400 0.19 -30.85 21.77
N SER A 401 0.67 -29.85 22.52
CA SER A 401 1.96 -29.25 22.17
C SER A 401 3.11 -30.21 22.39
N THR A 402 2.91 -31.20 23.27
CA THR A 402 3.97 -32.13 23.62
C THR A 402 4.48 -32.91 22.40
N CYS A 403 3.57 -33.40 21.55
CA CYS A 403 4.06 -34.13 20.38
C CYS A 403 3.44 -33.71 19.05
N ASN A 404 2.16 -33.33 19.03
CA ASN A 404 1.47 -33.11 17.76
C ASN A 404 1.93 -31.83 17.08
N PHE A 405 1.78 -30.69 17.74
CA PHE A 405 2.17 -29.44 17.09
C PHE A 405 2.69 -28.46 18.13
N GLN A 406 3.59 -27.61 17.68
CA GLN A 406 3.99 -26.44 18.46
C GLN A 406 2.87 -25.41 18.45
N ALA A 407 2.64 -24.80 19.60
CA ALA A 407 1.57 -23.81 19.77
C ALA A 407 2.15 -22.45 20.15
N ILE A 408 1.73 -21.41 19.43
CA ILE A 408 2.13 -20.03 19.70
C ILE A 408 0.84 -19.24 19.88
N VAL A 409 0.51 -18.90 21.13
CA VAL A 409 -0.77 -18.30 21.46
C VAL A 409 -0.57 -16.84 21.83
N ILE A 410 -1.31 -15.95 21.16
CA ILE A 410 -1.41 -14.56 21.61
C ILE A 410 -2.67 -14.44 22.44
N SER A 411 -2.52 -14.05 23.70
CA SER A 411 -3.61 -14.24 24.63
C SER A 411 -3.65 -13.11 25.64
N LEU A 412 -4.85 -12.86 26.17
CA LEU A 412 -5.09 -11.82 27.15
C LEU A 412 -5.58 -12.38 28.48
N LYS A 413 -5.80 -13.68 28.57
CA LYS A 413 -6.47 -14.29 29.71
C LYS A 413 -5.46 -15.14 30.45
N GLU A 414 -5.21 -14.78 31.71
CA GLU A 414 -4.19 -15.46 32.48
C GLU A 414 -4.50 -16.95 32.60
N GLU A 415 -5.78 -17.31 32.73
CA GLU A 415 -6.10 -18.72 32.84
C GLU A 415 -5.76 -19.48 31.58
N PHE A 416 -5.54 -18.79 30.47
CA PHE A 416 -5.00 -19.44 29.28
C PHE A 416 -3.47 -19.45 29.32
N TYR A 417 -2.85 -18.26 29.32
CA TYR A 417 -1.41 -18.27 29.07
C TYR A 417 -0.60 -18.83 30.23
N THR A 418 -1.19 -19.07 31.40
CA THR A 418 -0.38 -19.69 32.44
C THR A 418 -0.17 -21.19 32.20
N LYS A 419 -0.89 -21.81 31.28
CA LYS A 419 -0.57 -23.19 30.96
C LYS A 419 0.59 -23.31 29.98
N ALA A 420 1.10 -22.18 29.50
CA ALA A 420 2.22 -22.16 28.56
C ALA A 420 3.50 -22.54 29.27
N GLU A 421 4.46 -23.04 28.50
CA GLU A 421 5.79 -23.24 29.07
C GLU A 421 6.56 -21.94 29.15
N SER A 422 6.36 -21.07 28.17
CA SER A 422 7.19 -19.92 27.87
C SER A 422 6.29 -18.70 27.73
N LEU A 423 6.71 -17.58 28.31
CA LEU A 423 6.00 -16.32 28.13
C LEU A 423 6.92 -15.36 27.40
N ILE A 424 6.48 -14.89 26.24
CA ILE A 424 7.08 -13.74 25.57
C ILE A 424 6.21 -12.53 25.90
N GLY A 425 6.69 -11.71 26.84
CA GLY A 425 5.98 -10.50 27.20
C GLY A 425 6.44 -9.33 26.37
N VAL A 426 5.47 -8.57 25.86
CA VAL A 426 5.73 -7.39 25.03
C VAL A 426 5.48 -6.15 25.87
N TYR A 427 6.36 -5.17 25.75
CA TYR A 427 6.17 -3.90 26.46
C TYR A 427 6.59 -2.75 25.57
N PRO A 428 6.05 -1.55 25.83
CA PRO A 428 6.35 -0.41 24.98
C PRO A 428 7.36 0.55 25.59
N GLU A 429 7.97 1.34 24.72
CA GLU A 429 8.57 2.63 25.03
C GLU A 429 7.97 3.66 24.07
N GLN A 430 8.18 4.94 24.34
CA GLN A 430 7.69 5.97 23.44
C GLN A 430 8.85 6.50 22.60
N GLY A 431 8.56 6.81 21.33
CA GLY A 431 9.59 7.23 20.40
C GLY A 431 9.00 7.83 19.14
N ASP A 432 9.50 7.42 17.96
CA ASP A 432 8.91 7.82 16.68
C ASP A 432 7.41 7.57 16.73
N CYS A 433 7.01 6.31 16.68
CA CYS A 433 5.68 5.97 17.19
C CYS A 433 5.88 5.33 18.56
N VAL A 434 5.54 4.05 18.71
CA VAL A 434 5.90 3.34 19.93
C VAL A 434 6.98 2.32 19.57
N ILE A 435 7.86 2.07 20.53
CA ILE A 435 8.90 1.05 20.40
C ILE A 435 8.49 -0.15 21.23
N SER A 436 8.49 -1.32 20.60
CA SER A 436 8.16 -2.58 21.25
C SER A 436 9.43 -3.35 21.58
N LYS A 437 9.43 -4.01 22.73
CA LYS A 437 10.52 -4.88 23.09
C LYS A 437 9.91 -6.08 23.81
N VAL A 438 10.67 -7.18 23.87
CA VAL A 438 10.12 -8.42 24.43
C VAL A 438 11.03 -8.94 25.55
N LEU A 439 10.39 -9.51 26.56
CA LEU A 439 11.04 -10.28 27.60
C LEU A 439 10.64 -11.75 27.48
N THR A 440 11.54 -12.65 27.88
CA THR A 440 11.25 -14.08 27.89
C THR A 440 11.25 -14.58 29.31
N PHE A 441 10.27 -15.42 29.65
CA PHE A 441 10.07 -15.89 31.01
C PHE A 441 9.61 -17.35 30.99
N ASP A 442 10.29 -18.18 31.79
CA ASP A 442 10.02 -19.62 31.79
C ASP A 442 9.09 -19.98 32.94
N LEU A 443 7.92 -20.52 32.61
CA LEU A 443 6.93 -20.95 33.58
C LEU A 443 7.14 -22.37 34.09
N THR A 444 7.97 -23.18 33.42
CA THR A 444 8.13 -24.56 33.87
C THR A 444 8.92 -24.68 35.17
N LYS A 445 9.49 -23.58 35.67
CA LYS A 445 10.16 -23.62 36.97
C LYS A 445 9.17 -23.70 38.13
N TYR A 446 7.95 -23.31 37.93
CA TYR A 446 7.08 -23.17 39.06
C TYR A 446 5.99 -24.23 39.02
N PRO A 447 5.47 -24.64 40.19
CA PRO A 447 4.42 -25.66 40.23
C PRO A 447 3.05 -25.11 39.92
N ASP A 448 2.03 -25.96 40.07
CA ASP A 448 0.61 -25.67 39.85
C ASP A 448 0.32 -25.73 38.36
N ALA B 20 22.16 2.87 43.25
CA ALA B 20 20.74 2.79 42.90
C ALA B 20 20.12 1.42 43.20
N GLU B 21 18.80 1.37 43.22
CA GLU B 21 18.04 0.21 43.69
C GLU B 21 17.65 -0.68 42.52
N SER B 22 17.77 -2.00 42.71
CA SER B 22 17.52 -2.98 41.65
C SER B 22 16.77 -4.17 42.21
N ILE B 23 15.95 -4.82 41.38
CA ILE B 23 15.09 -5.92 41.82
C ILE B 23 15.02 -7.02 40.77
N SER B 24 15.27 -8.26 41.20
CA SER B 24 15.28 -9.43 40.32
C SER B 24 13.90 -10.09 40.31
N LEU B 25 13.33 -10.24 39.11
CA LEU B 25 12.08 -10.97 38.98
C LEU B 25 12.21 -12.42 39.46
N LEU B 26 13.32 -13.09 39.15
CA LEU B 26 13.48 -14.48 39.58
C LEU B 26 13.56 -14.59 41.11
N GLU B 27 14.12 -13.59 41.80
CA GLU B 27 14.05 -13.61 43.26
C GLU B 27 12.62 -13.40 43.73
N LEU B 28 11.95 -12.38 43.18
CA LEU B 28 10.53 -12.15 43.50
C LEU B 28 9.69 -13.41 43.33
N CYS B 29 10.07 -14.29 42.40
CA CYS B 29 9.28 -15.44 42.06
C CYS B 29 9.69 -16.71 42.80
N ARG B 30 10.73 -16.65 43.62
CA ARG B 30 11.10 -17.80 44.41
C ARG B 30 9.90 -18.23 45.25
N ASN B 31 9.58 -19.53 45.23
CA ASN B 31 8.53 -20.10 46.06
C ASN B 31 7.14 -19.58 45.68
N THR B 32 6.88 -19.37 44.40
CA THR B 32 5.53 -19.05 43.93
C THR B 32 5.09 -20.10 42.92
N ASN B 33 3.80 -20.10 42.61
CA ASN B 33 3.29 -21.01 41.60
C ASN B 33 3.29 -20.32 40.24
N ARG B 34 2.77 -21.02 39.23
CA ARG B 34 2.82 -20.51 37.87
C ARG B 34 1.91 -19.29 37.70
N LYS B 35 0.75 -19.29 38.36
CA LYS B 35 -0.14 -18.14 38.20
C LYS B 35 0.49 -16.89 38.81
N GLN B 36 1.03 -17.03 40.01
CA GLN B 36 1.65 -15.91 40.71
C GLN B 36 2.90 -15.42 39.98
N ALA B 37 3.79 -16.34 39.61
CA ALA B 37 4.98 -15.98 38.85
C ALA B 37 4.62 -15.24 37.58
N ALA B 38 3.63 -15.74 36.84
CA ALA B 38 3.22 -15.06 35.61
C ALA B 38 2.68 -13.67 35.92
N ALA B 39 1.94 -13.53 37.01
CA ALA B 39 1.43 -12.22 37.39
C ALA B 39 2.55 -11.26 37.77
N LYS B 40 3.62 -11.76 38.42
CA LYS B 40 4.75 -10.87 38.67
C LYS B 40 5.39 -10.44 37.36
N PHE B 41 5.61 -11.39 36.46
CA PHE B 41 6.11 -11.09 35.13
C PHE B 41 5.24 -10.05 34.45
N TYR B 42 3.94 -10.28 34.43
CA TYR B 42 3.06 -9.35 33.76
C TYR B 42 3.13 -7.97 34.41
N SER B 43 3.34 -7.92 35.73
CA SER B 43 3.44 -6.62 36.39
C SER B 43 4.67 -5.85 35.95
N PHE B 44 5.76 -6.54 35.60
CA PHE B 44 6.91 -5.82 35.08
C PHE B 44 6.58 -5.16 33.75
N LEU B 45 5.76 -5.82 32.92
CA LEU B 45 5.35 -5.20 31.67
C LEU B 45 4.44 -3.99 31.93
N VAL B 46 3.47 -4.11 32.83
CA VAL B 46 2.59 -3.00 33.15
C VAL B 46 3.38 -1.83 33.74
N LEU B 47 4.22 -2.11 34.75
CA LEU B 47 4.97 -1.04 35.39
C LEU B 47 5.97 -0.39 34.44
N LYS B 48 6.48 -1.15 33.47
CA LYS B 48 7.33 -0.54 32.45
C LYS B 48 6.54 0.36 31.51
N LYS B 49 5.32 -0.05 31.13
CA LYS B 49 4.49 0.84 30.30
C LYS B 49 4.21 2.15 31.00
N GLN B 50 3.88 2.11 32.29
CA GLN B 50 3.60 3.31 33.08
C GLN B 50 4.86 4.05 33.49
N GLN B 51 6.03 3.55 33.10
CA GLN B 51 7.31 4.20 33.35
C GLN B 51 7.67 4.24 34.84
N ALA B 52 7.12 3.30 35.62
CA ALA B 52 7.52 3.17 37.02
C ALA B 52 8.89 2.52 37.18
N ILE B 53 9.40 1.81 36.15
CA ILE B 53 10.67 1.10 36.27
C ILE B 53 11.35 1.08 34.92
N GLU B 54 12.63 0.72 34.94
CA GLU B 54 13.34 0.26 33.75
C GLU B 54 13.53 -1.25 33.85
N LEU B 55 13.78 -1.87 32.71
CA LEU B 55 13.92 -3.32 32.62
C LEU B 55 15.23 -3.62 31.92
N THR B 56 15.94 -4.62 32.42
CA THR B 56 17.13 -5.16 31.79
C THR B 56 17.00 -6.66 31.75
N GLN B 57 17.31 -7.26 30.61
CA GLN B 57 17.42 -8.72 30.51
C GLN B 57 18.62 -9.00 29.63
N GLU B 58 19.70 -9.53 30.22
CA GLU B 58 20.96 -9.62 29.51
C GLU B 58 20.83 -10.50 28.28
N GLU B 59 20.11 -11.61 28.40
CA GLU B 59 19.95 -12.56 27.30
C GLU B 59 18.63 -13.27 27.50
N PRO B 60 18.12 -13.96 26.46
CA PRO B 60 16.80 -14.59 26.59
C PRO B 60 16.77 -15.59 27.74
N TYR B 61 15.66 -15.56 28.47
CA TYR B 61 15.36 -16.50 29.56
C TYR B 61 16.31 -16.36 30.74
N SER B 62 17.18 -15.35 30.72
CA SER B 62 17.95 -14.97 31.89
C SER B 62 17.07 -14.15 32.83
N ASP B 63 17.65 -13.69 33.92
CA ASP B 63 16.90 -12.92 34.92
C ASP B 63 16.52 -11.54 34.40
N ILE B 64 15.34 -11.06 34.82
CA ILE B 64 14.84 -9.74 34.46
C ILE B 64 15.02 -8.82 35.66
N ILE B 65 15.81 -7.76 35.51
CA ILE B 65 16.15 -6.83 36.59
C ILE B 65 15.34 -5.54 36.42
N ALA B 66 14.71 -5.10 37.50
CA ALA B 66 13.99 -3.83 37.52
C ALA B 66 14.82 -2.79 38.27
N THR B 67 14.85 -1.57 37.73
CA THR B 67 15.49 -0.42 38.33
C THR B 67 14.53 0.75 38.26
N PRO B 68 14.82 1.84 38.98
CA PRO B 68 13.85 2.95 39.03
C PRO B 68 13.63 3.57 37.66
N GLY B 69 12.44 4.12 37.49
CA GLY B 69 12.07 4.78 36.26
C GLY B 69 11.68 6.22 36.53
N PRO B 70 11.51 7.00 35.47
CA PRO B 70 11.35 8.46 35.65
C PRO B 70 10.04 8.86 36.31
N ARG B 71 9.05 7.99 36.34
CA ARG B 71 7.67 8.36 36.69
C ARG B 71 7.20 7.70 37.98
N PHE B 72 8.13 7.21 38.79
CA PHE B 72 7.79 6.72 40.12
C PHE B 72 9.07 6.81 40.94
N HIS B 73 8.91 7.11 42.23
CA HIS B 73 10.07 7.44 43.05
C HIS B 73 10.07 6.81 44.43
N GLY B 74 9.01 6.10 44.81
CA GLY B 74 9.03 5.35 46.04
C GLY B 74 9.95 4.14 45.94
N SER B 75 10.01 3.39 47.02
CA SER B 75 10.90 2.23 47.06
C SER B 75 10.40 1.13 46.15
N LEU B 76 11.30 0.63 45.30
CA LEU B 76 10.92 -0.50 44.45
C LEU B 76 10.64 -1.74 45.29
N GLU B 77 11.41 -1.95 46.35
CA GLU B 77 11.12 -3.07 47.24
C GLU B 77 9.68 -3.03 47.69
N VAL B 78 9.26 -1.92 48.29
CA VAL B 78 7.90 -1.81 48.79
C VAL B 78 6.87 -1.93 47.67
N LEU B 79 7.20 -1.42 46.47
CA LEU B 79 6.29 -1.54 45.34
C LEU B 79 5.95 -2.99 45.00
N PHE B 80 6.77 -3.96 45.42
CA PHE B 80 6.62 -5.34 44.97
C PHE B 80 6.23 -6.37 46.06
N GLY C 2 5.88 17.51 -0.43
CA GLY C 2 5.32 16.18 -0.36
C GLY C 2 5.24 15.49 -1.71
N PHE C 3 4.72 14.26 -1.73
CA PHE C 3 4.76 13.43 -2.92
C PHE C 3 3.43 12.72 -3.10
N LEU C 4 3.05 12.51 -4.36
CA LEU C 4 1.95 11.60 -4.67
C LEU C 4 2.49 10.17 -4.54
N LYS C 5 2.15 9.49 -3.44
CA LYS C 5 2.78 8.19 -3.21
C LYS C 5 2.07 7.07 -3.97
N LEU C 6 0.74 7.07 -3.96
CA LEU C 6 0.05 6.08 -4.78
C LEU C 6 -1.39 6.50 -5.01
N ILE C 7 -2.02 5.82 -5.96
CA ILE C 7 -3.45 5.96 -6.26
C ILE C 7 -4.14 4.64 -5.97
N GLU C 8 -5.28 4.70 -5.28
CA GLU C 8 -6.15 3.55 -5.08
C GLU C 8 -7.46 3.77 -5.84
N ILE C 9 -7.79 2.85 -6.74
CA ILE C 9 -8.97 2.97 -7.60
C ILE C 9 -9.95 1.85 -7.29
N GLU C 10 -11.24 2.17 -7.35
CA GLU C 10 -12.25 1.10 -7.28
C GLU C 10 -13.34 1.39 -8.30
N ASN C 11 -13.36 0.59 -9.38
CA ASN C 11 -14.45 0.60 -10.36
C ASN C 11 -14.59 1.96 -11.05
N PHE C 12 -13.51 2.67 -11.23
CA PHE C 12 -13.50 3.94 -11.93
C PHE C 12 -13.06 3.70 -13.37
N LYS C 13 -13.92 4.06 -14.32
CA LYS C 13 -13.71 3.88 -15.77
C LYS C 13 -13.31 2.42 -16.02
N SER C 14 -12.26 2.15 -16.79
CA SER C 14 -11.89 0.79 -17.09
C SER C 14 -11.22 0.08 -15.92
N TYR C 15 -10.92 0.79 -14.81
CA TYR C 15 -10.24 0.17 -13.67
C TYR C 15 -11.29 -0.49 -12.79
N LYS C 16 -11.65 -1.70 -13.19
CA LYS C 16 -12.68 -2.45 -12.50
C LYS C 16 -12.13 -3.04 -11.21
N GLY C 17 -12.98 -3.09 -10.17
CA GLY C 17 -12.50 -3.63 -8.92
C GLY C 17 -11.53 -2.68 -8.22
N ARG C 18 -10.92 -3.19 -7.17
CA ARG C 18 -10.00 -2.45 -6.33
C ARG C 18 -8.57 -2.74 -6.79
N GLN C 19 -7.84 -1.67 -7.11
CA GLN C 19 -6.46 -1.77 -7.59
C GLN C 19 -5.64 -0.68 -6.92
N ILE C 20 -4.36 -0.99 -6.72
CA ILE C 20 -3.36 -0.07 -6.19
C ILE C 20 -2.47 0.34 -7.35
N ILE C 21 -2.43 1.63 -7.64
CA ILE C 21 -1.58 2.17 -8.70
C ILE C 21 -0.37 2.78 -8.02
N GLY C 22 0.81 2.41 -8.46
CA GLY C 22 2.01 2.80 -7.76
C GLY C 22 2.50 1.71 -6.84
N PRO C 23 3.34 2.04 -5.83
CA PRO C 23 3.92 3.36 -5.46
C PRO C 23 4.64 4.09 -6.58
N PHE C 24 4.43 5.40 -6.66
CA PHE C 24 5.13 6.23 -7.63
C PHE C 24 6.54 6.55 -7.15
N GLN C 25 7.48 6.54 -8.05
CA GLN C 25 8.81 7.04 -7.68
C GLN C 25 8.87 8.53 -8.02
N ARG C 26 10.04 9.17 -7.85
CA ARG C 26 10.12 10.60 -8.10
C ARG C 26 9.87 10.93 -9.56
N PHE C 27 10.26 10.03 -10.46
CA PHE C 27 10.02 10.13 -11.89
C PHE C 27 9.39 8.81 -12.35
N THR C 28 8.08 8.81 -12.64
CA THR C 28 7.36 7.62 -13.08
C THR C 28 6.69 7.87 -14.43
N ALA C 29 6.85 6.93 -15.36
CA ALA C 29 6.18 6.98 -16.64
C ALA C 29 5.04 5.96 -16.66
N ILE C 30 3.87 6.40 -17.11
CA ILE C 30 2.73 5.53 -17.37
C ILE C 30 2.74 5.17 -18.86
N ILE C 31 2.88 3.88 -19.16
CA ILE C 31 2.97 3.41 -20.54
C ILE C 31 1.97 2.28 -20.76
N GLY C 32 1.86 1.86 -22.02
CA GLY C 32 0.99 0.75 -22.35
C GLY C 32 0.57 0.73 -23.80
N PRO C 33 0.19 -0.45 -24.30
CA PRO C 33 -0.38 -0.54 -25.65
C PRO C 33 -1.63 0.30 -25.78
N ASN C 34 -1.92 0.68 -27.01
CA ASN C 34 -3.02 1.58 -27.25
C ASN C 34 -4.33 0.99 -26.75
N GLY C 35 -5.11 1.82 -26.04
CA GLY C 35 -6.43 1.45 -25.58
C GLY C 35 -6.48 0.59 -24.33
N SER C 36 -5.39 0.47 -23.58
CA SER C 36 -5.43 -0.32 -22.35
C SER C 36 -5.94 0.48 -21.15
N GLY C 37 -5.91 1.82 -21.24
CA GLY C 37 -6.38 2.66 -20.15
C GLY C 37 -5.44 3.74 -19.62
N LYS C 38 -4.45 4.15 -20.40
CA LYS C 38 -3.57 5.24 -19.96
C LYS C 38 -4.36 6.51 -19.69
N SER C 39 -5.13 6.99 -20.67
CA SER C 39 -5.82 8.27 -20.47
C SER C 39 -6.89 8.17 -19.39
N ASN C 40 -7.49 6.98 -19.20
CA ASN C 40 -8.43 6.79 -18.10
C ASN C 40 -7.76 7.00 -16.75
N LEU C 41 -6.50 6.61 -16.63
CA LEU C 41 -5.78 6.86 -15.38
C LEU C 41 -5.48 8.36 -15.24
N MET C 42 -5.06 9.01 -16.33
CA MET C 42 -5.02 10.46 -16.33
C MET C 42 -6.32 11.06 -15.78
N ASP C 43 -7.48 10.54 -16.19
CA ASP C 43 -8.74 11.05 -15.67
C ASP C 43 -8.93 10.74 -14.20
N ALA C 44 -8.39 9.60 -13.71
CA ALA C 44 -8.53 9.30 -12.28
C ALA C 44 -7.77 10.33 -11.45
N ILE C 45 -6.56 10.69 -11.85
CA ILE C 45 -5.80 11.71 -11.13
C ILE C 45 -6.56 13.04 -11.13
N SER C 46 -7.08 13.45 -12.31
CA SER C 46 -7.83 14.71 -12.34
C SER C 46 -9.09 14.60 -11.50
N PHE C 47 -9.73 13.43 -11.53
CA PHE C 47 -10.95 13.23 -10.76
C PHE C 47 -10.68 13.38 -9.26
N VAL C 48 -9.66 12.70 -8.74
CA VAL C 48 -9.34 12.83 -7.31
C VAL C 48 -8.86 14.24 -6.97
N LEU C 49 -8.26 14.96 -7.91
CA LEU C 49 -7.90 16.35 -7.68
C LEU C 49 -9.04 17.31 -8.01
N GLY C 50 -10.27 16.82 -8.19
CA GLY C 50 -11.44 17.66 -8.21
C GLY C 50 -11.91 18.14 -9.57
N GLU C 51 -11.41 17.57 -10.65
CA GLU C 51 -11.86 17.97 -11.98
C GLU C 51 -13.39 17.93 -12.09
N LYS C 52 -13.94 18.82 -12.91
CA LYS C 52 -15.38 18.83 -13.12
C LYS C 52 -15.79 17.71 -14.08
N THR C 53 -16.98 17.15 -13.84
CA THR C 53 -17.57 16.11 -14.68
C THR C 53 -17.35 16.34 -16.18
N SER C 54 -17.67 17.55 -16.64
CA SER C 54 -17.60 17.85 -18.07
C SER C 54 -16.17 17.79 -18.61
N ASN C 55 -15.16 17.92 -17.77
CA ASN C 55 -13.81 17.72 -18.26
C ASN C 55 -13.32 16.30 -18.11
N LEU C 56 -14.23 15.33 -17.96
CA LEU C 56 -13.80 13.94 -17.75
C LEU C 56 -14.37 13.00 -18.82
N ARG C 57 -14.78 13.54 -19.97
CA ARG C 57 -15.25 12.73 -21.12
C ARG C 57 -16.47 11.86 -20.75
N VAL C 58 -17.40 12.44 -19.99
CA VAL C 58 -18.67 11.84 -19.61
C VAL C 58 -19.65 12.99 -19.42
N LYS C 59 -20.94 12.70 -19.49
CA LYS C 59 -21.94 13.74 -19.32
C LYS C 59 -22.67 13.65 -17.98
N THR C 60 -22.54 12.55 -17.25
CA THR C 60 -22.95 12.46 -15.87
C THR C 60 -21.84 11.77 -15.08
N LEU C 61 -21.81 12.06 -13.77
CA LEU C 61 -20.83 11.45 -12.89
C LEU C 61 -21.01 9.93 -12.78
N ARG C 62 -22.27 9.44 -12.73
CA ARG C 62 -22.49 7.99 -12.64
C ARG C 62 -21.84 7.23 -13.80
N ASP C 63 -21.59 7.89 -14.93
CA ASP C 63 -20.96 7.25 -16.08
C ASP C 63 -19.47 7.00 -15.90
N LEU C 64 -18.88 7.39 -14.78
CA LEU C 64 -17.50 7.02 -14.49
C LEU C 64 -17.38 5.67 -13.80
N ILE C 65 -18.48 5.15 -13.26
CA ILE C 65 -18.44 3.82 -12.68
C ILE C 65 -18.24 2.80 -13.79
N HIS C 66 -17.32 1.84 -13.57
CA HIS C 66 -17.01 0.81 -14.56
C HIS C 66 -18.28 0.15 -15.11
N GLY C 67 -18.34 0.05 -16.44
CA GLY C 67 -19.47 -0.53 -17.12
C GLY C 67 -20.71 0.34 -17.25
N ALA C 68 -20.79 1.47 -16.57
CA ALA C 68 -21.97 2.32 -16.71
C ALA C 68 -22.17 2.89 -18.11
N PRO C 69 -21.12 3.27 -18.86
CA PRO C 69 -21.41 3.80 -20.22
C PRO C 69 -22.25 2.90 -21.07
N VAL C 70 -22.27 1.58 -20.82
CA VAL C 70 -23.05 0.67 -21.65
C VAL C 70 -24.11 0.02 -20.80
N GLY C 71 -24.48 0.68 -19.71
CA GLY C 71 -25.57 0.18 -18.88
C GLY C 71 -25.26 -1.08 -18.11
N LYS C 72 -24.01 -1.31 -17.77
CA LYS C 72 -23.61 -2.47 -16.98
C LYS C 72 -22.73 -2.03 -15.81
N PRO C 73 -23.25 -1.19 -14.90
CA PRO C 73 -22.42 -0.70 -13.80
C PRO C 73 -22.03 -1.84 -12.86
N ALA C 74 -20.72 -2.02 -12.69
CA ALA C 74 -20.20 -3.03 -11.79
C ALA C 74 -20.57 -2.79 -10.34
N ALA C 75 -21.01 -1.59 -9.97
CA ALA C 75 -21.31 -1.28 -8.59
C ALA C 75 -22.18 -0.05 -8.59
N ASN C 76 -22.68 0.29 -7.41
CA ASN C 76 -23.38 1.55 -7.18
C ASN C 76 -22.44 2.69 -6.84
N ARG C 77 -21.14 2.41 -6.76
CA ARG C 77 -20.17 3.31 -6.18
C ARG C 77 -18.84 3.10 -6.87
N ALA C 78 -18.02 4.15 -6.89
CA ALA C 78 -16.67 4.11 -7.37
C ALA C 78 -15.83 5.10 -6.57
N PHE C 79 -14.52 4.91 -6.56
CA PHE C 79 -13.75 5.98 -5.96
C PHE C 79 -12.35 5.97 -6.54
N VAL C 80 -11.72 7.12 -6.43
CA VAL C 80 -10.29 7.27 -6.55
C VAL C 80 -9.81 7.94 -5.29
N SER C 81 -8.68 7.48 -4.78
CA SER C 81 -8.05 8.08 -3.63
C SER C 81 -6.57 8.23 -3.90
N MET C 82 -6.02 9.30 -3.35
CA MET C 82 -4.61 9.63 -3.51
C MET C 82 -4.01 9.63 -2.12
N VAL C 83 -2.97 8.83 -1.92
CA VAL C 83 -2.17 8.91 -0.71
C VAL C 83 -1.06 9.91 -0.96
N TYR C 84 -0.96 10.90 -0.09
CA TYR C 84 0.02 11.98 -0.20
C TYR C 84 0.97 11.89 0.99
N SER C 85 2.26 11.88 0.71
CA SER C 85 3.25 11.68 1.76
C SER C 85 4.18 12.87 1.82
N GLU C 86 4.77 13.08 2.98
CA GLU C 86 5.59 14.26 3.26
C GLU C 86 6.55 13.92 4.40
N GLU C 87 7.85 14.12 4.16
CA GLU C 87 8.87 13.92 5.19
C GLU C 87 8.41 14.47 6.54
N GLY C 88 8.45 13.63 7.55
CA GLY C 88 8.17 14.11 8.88
C GLY C 88 6.71 14.19 9.24
N ALA C 89 5.81 13.77 8.35
CA ALA C 89 4.39 13.78 8.62
C ALA C 89 3.74 12.44 8.29
N GLU C 90 2.63 12.17 8.97
CA GLU C 90 1.75 11.08 8.54
C GLU C 90 1.25 11.31 7.11
N ASP C 91 0.99 10.20 6.42
CA ASP C 91 0.33 10.24 5.13
C ASP C 91 -1.03 10.93 5.20
N ARG C 92 -1.38 11.65 4.14
CA ARG C 92 -2.71 12.18 3.96
C ARG C 92 -3.37 11.45 2.80
N THR C 93 -4.59 11.00 3.00
CA THR C 93 -5.35 10.42 1.90
C THR C 93 -6.49 11.37 1.50
N PHE C 94 -6.55 11.66 0.22
CA PHE C 94 -7.63 12.44 -0.38
C PHE C 94 -8.42 11.49 -1.27
N ALA C 95 -9.72 11.39 -1.02
CA ALA C 95 -10.55 10.47 -1.77
C ALA C 95 -11.78 11.19 -2.30
N ARG C 96 -12.20 10.81 -3.51
CA ARG C 96 -13.46 11.27 -4.09
C ARG C 96 -14.30 10.04 -4.43
N VAL C 97 -15.49 9.94 -3.85
CA VAL C 97 -16.35 8.77 -4.01
C VAL C 97 -17.59 9.19 -4.78
N ILE C 98 -17.93 8.39 -5.79
CA ILE C 98 -19.19 8.51 -6.52
C ILE C 98 -20.23 7.71 -5.75
N VAL C 99 -21.16 8.41 -5.10
CA VAL C 99 -22.23 7.76 -4.37
C VAL C 99 -23.52 8.48 -4.69
N GLY C 100 -24.57 7.71 -5.01
CA GLY C 100 -25.84 8.31 -5.36
C GLY C 100 -25.78 9.22 -6.57
N GLY C 101 -24.77 9.04 -7.43
CA GLY C 101 -24.62 9.87 -8.62
C GLY C 101 -23.91 11.20 -8.44
N SER C 102 -23.48 11.55 -7.22
CA SER C 102 -22.71 12.76 -7.00
C SER C 102 -21.52 12.46 -6.10
N SER C 103 -20.70 13.48 -5.90
CA SER C 103 -19.40 13.30 -5.31
C SER C 103 -19.50 13.38 -3.79
N GLU C 104 -18.67 12.58 -3.14
CA GLU C 104 -18.44 12.64 -1.71
C GLU C 104 -16.94 12.77 -1.52
N TYR C 105 -16.52 13.86 -0.92
CA TYR C 105 -15.11 14.10 -0.69
C TYR C 105 -14.71 13.65 0.71
N LYS C 106 -13.53 13.07 0.82
CA LYS C 106 -13.06 12.56 2.09
C LYS C 106 -11.58 12.87 2.23
N ILE C 107 -11.20 13.37 3.41
CA ILE C 107 -9.81 13.52 3.78
C ILE C 107 -9.57 12.63 4.99
N ASN C 108 -8.54 11.80 4.91
CA ASN C 108 -8.30 10.74 5.90
C ASN C 108 -9.59 10.05 6.33
N ASN C 109 -10.49 9.78 5.38
CA ASN C 109 -11.77 9.14 5.58
C ASN C 109 -12.78 9.97 6.37
N LYS C 110 -12.46 11.19 6.77
CA LYS C 110 -13.49 12.09 7.25
C LYS C 110 -14.15 12.77 6.05
N VAL C 111 -15.48 12.68 5.98
CA VAL C 111 -16.23 13.33 4.90
C VAL C 111 -16.16 14.84 5.09
N VAL C 112 -15.83 15.55 4.00
CA VAL C 112 -15.69 17.00 4.02
C VAL C 112 -16.35 17.58 2.77
N GLN C 113 -16.55 18.89 2.78
CA GLN C 113 -17.17 19.51 1.62
C GLN C 113 -16.11 19.91 0.60
N LEU C 114 -16.55 20.04 -0.65
CA LEU C 114 -15.61 20.35 -1.73
C LEU C 114 -14.74 21.55 -1.37
N HIS C 115 -15.33 22.56 -0.72
CA HIS C 115 -14.58 23.77 -0.40
C HIS C 115 -13.42 23.44 0.53
N GLU C 116 -13.68 22.68 1.59
CA GLU C 116 -12.59 22.26 2.46
C GLU C 116 -11.59 21.40 1.70
N TYR C 117 -12.08 20.46 0.88
CA TYR C 117 -11.20 19.62 0.08
C TYR C 117 -10.22 20.46 -0.74
N SER C 118 -10.70 21.52 -1.39
CA SER C 118 -9.83 22.34 -2.21
C SER C 118 -8.86 23.12 -1.35
N GLU C 119 -9.39 23.73 -0.29
CA GLU C 119 -8.55 24.51 0.60
C GLU C 119 -7.42 23.65 1.14
N GLU C 120 -7.67 22.36 1.39
CA GLU C 120 -6.66 21.50 1.96
C GLU C 120 -5.61 21.12 0.92
N LEU C 121 -6.06 20.84 -0.31
CA LEU C 121 -5.10 20.58 -1.38
C LEU C 121 -4.25 21.81 -1.66
N GLU C 122 -4.83 23.00 -1.55
CA GLU C 122 -4.09 24.24 -1.77
C GLU C 122 -2.99 24.42 -0.72
N LYS C 123 -3.31 24.15 0.56
CA LYS C 123 -2.29 24.12 1.60
C LYS C 123 -1.10 23.22 1.26
N LEU C 124 -1.24 22.30 0.30
CA LEU C 124 -0.15 21.45 -0.15
C LEU C 124 0.46 21.94 -1.44
N GLY C 125 0.04 23.11 -1.91
CA GLY C 125 0.54 23.59 -3.17
C GLY C 125 -0.12 22.97 -4.37
N ILE C 126 -1.27 22.33 -4.18
CA ILE C 126 -2.01 21.71 -5.27
C ILE C 126 -3.20 22.62 -5.53
N LEU C 127 -3.24 23.21 -6.73
CA LEU C 127 -4.24 24.22 -7.07
C LEU C 127 -5.24 23.62 -8.05
N ILE C 128 -6.42 23.26 -7.54
CA ILE C 128 -7.22 22.39 -8.38
C ILE C 128 -8.00 23.17 -9.43
N LYS C 129 -8.40 24.40 -9.17
CA LYS C 129 -9.09 25.14 -10.24
C LYS C 129 -8.12 25.64 -11.31
N ALA C 130 -6.88 25.92 -10.94
CA ALA C 130 -5.87 26.34 -11.89
C ALA C 130 -5.18 25.16 -12.56
N ARG C 131 -5.13 24.00 -11.91
CA ARG C 131 -4.44 22.84 -12.42
C ARG C 131 -2.94 23.12 -12.62
N ASN C 132 -2.35 23.79 -11.62
CA ASN C 132 -0.90 24.05 -11.65
C ASN C 132 -0.09 22.77 -11.83
N PHE C 133 -0.63 21.61 -11.43
CA PHE C 133 0.04 20.32 -11.43
C PHE C 133 0.03 19.62 -12.79
N LEU C 134 -0.55 20.20 -13.81
CA LEU C 134 -0.83 19.42 -15.01
C LEU C 134 -0.40 20.17 -16.25
N VAL C 135 0.23 19.44 -17.17
CA VAL C 135 0.56 19.94 -18.50
C VAL C 135 -0.23 19.12 -19.49
N PHE C 136 -1.22 19.74 -20.11
CA PHE C 136 -2.08 18.99 -21.01
C PHE C 136 -1.38 18.74 -22.33
N GLN C 137 -1.93 17.79 -23.09
CA GLN C 137 -1.41 17.54 -24.42
C GLN C 137 -1.54 18.80 -25.26
N GLY C 138 -0.52 19.07 -26.08
CA GLY C 138 -0.50 20.28 -26.86
C GLY C 138 -0.23 21.56 -26.09
N ALA C 139 0.19 21.48 -24.82
CA ALA C 139 0.54 22.71 -24.11
C ALA C 139 1.77 23.39 -24.72
N VAL C 140 2.75 22.60 -25.15
CA VAL C 140 3.93 23.15 -25.82
C VAL C 140 3.51 24.00 -27.01
N GLU C 141 2.86 23.38 -27.99
CA GLU C 141 2.47 24.09 -29.21
C GLU C 141 1.65 25.33 -28.87
N SER C 142 0.79 25.22 -27.86
CA SER C 142 -0.03 26.35 -27.45
C SER C 142 0.83 27.51 -26.95
N ILE C 143 1.83 27.20 -26.11
CA ILE C 143 2.71 28.23 -25.60
C ILE C 143 3.64 28.73 -26.72
N ALA C 144 3.92 27.87 -27.71
CA ALA C 144 4.85 28.23 -28.76
C ALA C 144 4.33 29.37 -29.63
N MET C 145 3.03 29.49 -29.77
CA MET C 145 2.44 30.43 -30.72
C MET C 145 1.95 31.71 -30.06
N LYS C 146 2.18 31.89 -28.77
CA LYS C 146 1.76 33.11 -28.09
C LYS C 146 2.68 34.27 -28.46
N ASN C 147 2.10 35.33 -29.04
CA ASN C 147 2.86 36.54 -29.30
C ASN C 147 3.10 37.26 -27.98
N PRO C 148 3.88 38.36 -27.99
CA PRO C 148 4.23 39.02 -26.73
C PRO C 148 3.06 39.48 -25.89
N LYS C 149 1.98 39.98 -26.50
CA LYS C 149 0.88 40.44 -25.67
C LYS C 149 0.10 39.29 -25.07
N GLU C 150 0.01 38.17 -25.80
CA GLU C 150 -0.59 36.98 -25.20
C GLU C 150 0.22 36.51 -24.00
N ARG C 151 1.55 36.55 -24.11
CA ARG C 151 2.41 36.16 -22.99
C ARG C 151 2.08 36.95 -21.73
N THR C 152 1.91 38.27 -21.88
CA THR C 152 1.48 39.11 -20.77
C THR C 152 0.21 38.58 -20.13
N ALA C 153 -0.78 38.24 -20.96
CA ALA C 153 -2.04 37.70 -20.45
C ALA C 153 -1.80 36.43 -19.66
N LEU C 154 -0.98 35.53 -20.18
CA LEU C 154 -0.63 34.35 -19.42
C LEU C 154 -0.08 34.72 -18.05
N PHE C 155 0.78 35.74 -18.00
CA PHE C 155 1.37 36.15 -16.72
C PHE C 155 0.33 36.74 -15.78
N GLU C 156 -0.62 37.49 -16.32
CA GLU C 156 -1.64 38.11 -15.47
C GLU C 156 -2.58 37.04 -14.92
N GLU C 157 -2.72 35.93 -15.62
CA GLU C 157 -3.52 34.84 -15.11
C GLU C 157 -2.78 34.10 -13.99
N ILE C 158 -1.53 33.73 -14.23
CA ILE C 158 -0.76 32.97 -13.26
C ILE C 158 -0.41 33.83 -12.04
N SER C 159 -0.17 35.11 -12.23
CA SER C 159 0.19 35.94 -11.09
C SER C 159 -1.04 36.47 -10.37
N ARG C 160 -2.22 36.30 -10.96
CA ARG C 160 -3.47 36.87 -10.45
C ARG C 160 -3.42 38.39 -10.42
N SER C 161 -2.45 39.00 -11.09
CA SER C 161 -2.53 40.44 -11.31
C SER C 161 -3.70 40.78 -12.20
N GLY C 162 -4.07 39.87 -13.12
CA GLY C 162 -5.21 40.09 -13.98
C GLY C 162 -6.50 40.31 -13.21
N GLU C 163 -6.55 39.81 -11.97
CA GLU C 163 -7.74 40.01 -11.15
C GLU C 163 -7.96 41.48 -10.81
N LEU C 164 -6.89 42.27 -10.77
CA LEU C 164 -7.03 43.69 -10.46
C LEU C 164 -7.22 44.54 -11.71
N ALA C 165 -7.33 43.89 -12.87
CA ALA C 165 -7.32 44.64 -14.13
C ALA C 165 -8.56 45.50 -14.27
N GLN C 166 -9.73 44.96 -13.93
CA GLN C 166 -10.94 45.75 -14.03
C GLN C 166 -10.90 46.94 -13.06
N GLU C 167 -10.49 46.68 -11.82
CA GLU C 167 -10.39 47.75 -10.84
C GLU C 167 -9.38 48.79 -11.29
N TYR C 168 -8.20 48.34 -11.71
CA TYR C 168 -7.19 49.25 -12.22
C TYR C 168 -7.78 50.15 -13.30
N ASP C 169 -8.59 49.60 -14.20
CA ASP C 169 -9.10 50.39 -15.33
C ASP C 169 -10.14 51.41 -14.87
N LYS C 170 -11.01 51.02 -13.94
CA LYS C 170 -11.98 51.97 -13.40
C LYS C 170 -11.29 53.07 -12.60
N ARG C 171 -10.33 52.70 -11.75
CA ARG C 171 -9.64 53.72 -10.99
C ARG C 171 -8.85 54.65 -11.90
N LYS C 172 -8.22 54.10 -12.95
CA LYS C 172 -7.53 54.97 -13.90
C LYS C 172 -8.54 55.87 -14.60
N LYS C 173 -9.72 55.34 -14.89
CA LYS C 173 -10.75 56.12 -15.56
C LYS C 173 -11.23 57.26 -14.66
N GLU C 174 -11.36 57.00 -13.36
CA GLU C 174 -11.79 58.05 -12.45
C GLU C 174 -10.71 59.10 -12.27
N MET C 175 -9.44 58.71 -12.43
CA MET C 175 -8.34 59.66 -12.25
C MET C 175 -8.21 60.62 -13.43
N VAL C 176 -8.30 60.11 -14.66
CA VAL C 176 -8.16 60.95 -15.85
C VAL C 176 -9.20 62.07 -15.86
N LYS C 177 -10.46 61.74 -15.58
CA LYS C 177 -11.50 62.76 -15.47
C LYS C 177 -11.10 63.82 -14.44
N ALA C 178 -10.78 63.38 -13.22
CA ALA C 178 -10.42 64.32 -12.16
C ALA C 178 -9.26 65.20 -12.58
N GLU C 179 -8.38 64.70 -13.45
CA GLU C 179 -7.29 65.52 -13.96
C GLU C 179 -7.81 66.65 -14.85
N GLU C 180 -8.63 66.32 -15.84
CA GLU C 180 -9.08 67.34 -16.78
C GLU C 180 -10.14 68.24 -16.16
N ASP C 181 -11.01 67.66 -15.34
CA ASP C 181 -11.95 68.46 -14.57
C ASP C 181 -11.23 69.53 -13.75
N THR C 182 -10.03 69.19 -13.24
CA THR C 182 -9.25 70.16 -12.49
C THR C 182 -8.80 71.35 -13.35
N GLN C 183 -8.84 71.23 -14.67
CA GLN C 183 -8.31 72.26 -15.56
C GLN C 183 -9.16 73.52 -15.63
N PHE C 184 -10.09 73.69 -14.67
CA PHE C 184 -10.99 74.83 -14.70
C PHE C 184 -10.92 75.62 -13.37
N PHE C 268 -12.30 75.51 -7.37
CA PHE C 268 -11.14 75.41 -8.27
C PHE C 268 -9.92 74.80 -7.58
N GLU C 269 -9.96 74.75 -6.25
CA GLU C 269 -8.98 74.03 -5.46
C GLU C 269 -9.59 72.86 -4.71
N ALA C 270 -10.91 72.81 -4.58
CA ALA C 270 -11.55 71.54 -4.24
C ALA C 270 -11.40 70.54 -5.38
N ALA C 271 -11.35 71.05 -6.62
CA ALA C 271 -11.01 70.21 -7.77
C ALA C 271 -9.63 69.58 -7.60
N ARG C 272 -8.60 70.41 -7.45
CA ARG C 272 -7.26 69.93 -7.15
C ARG C 272 -7.28 68.87 -6.05
N LYS C 273 -8.01 69.14 -4.98
CA LYS C 273 -8.09 68.17 -3.88
C LYS C 273 -8.73 66.86 -4.35
N ARG C 274 -9.68 66.93 -5.30
CA ARG C 274 -10.33 65.71 -5.79
C ARG C 274 -9.43 64.96 -6.76
N ALA C 275 -8.65 65.67 -7.58
CA ALA C 275 -7.72 65.00 -8.49
C ALA C 275 -6.60 64.30 -7.73
N LYS C 276 -6.13 64.92 -6.64
CA LYS C 276 -5.14 64.28 -5.77
C LYS C 276 -5.65 62.93 -5.26
N LYS C 277 -6.80 62.94 -4.58
CA LYS C 277 -7.36 61.72 -4.03
C LYS C 277 -7.57 60.66 -5.11
N ALA C 278 -7.97 61.10 -6.32
CA ALA C 278 -8.15 60.15 -7.41
C ALA C 278 -6.83 59.58 -7.90
N LYS C 279 -5.75 60.37 -7.82
CA LYS C 279 -4.44 59.87 -8.24
C LYS C 279 -3.88 58.90 -7.21
N GLN C 280 -3.96 59.24 -5.92
CA GLN C 280 -3.58 58.30 -4.86
C GLN C 280 -4.32 56.99 -5.03
N ALA C 281 -5.62 57.05 -5.29
CA ALA C 281 -6.41 55.83 -5.40
C ALA C 281 -5.89 54.95 -6.54
N PHE C 282 -5.59 55.56 -7.69
CA PHE C 282 -5.16 54.80 -8.85
C PHE C 282 -3.81 54.12 -8.59
N GLU C 283 -2.85 54.87 -8.06
CA GLU C 283 -1.55 54.28 -7.77
C GLU C 283 -1.66 53.13 -6.76
N GLN C 284 -2.56 53.24 -5.79
CA GLN C 284 -2.72 52.17 -4.82
C GLN C 284 -3.02 50.84 -5.50
N ILE C 285 -3.92 50.84 -6.50
CA ILE C 285 -4.18 49.60 -7.24
C ILE C 285 -3.12 49.38 -8.30
N LYS C 286 -2.50 50.44 -8.83
CA LYS C 286 -1.44 50.24 -9.80
C LYS C 286 -0.24 49.52 -9.16
N LYS C 287 0.14 49.95 -7.96
CA LYS C 287 1.22 49.24 -7.27
C LYS C 287 0.80 47.83 -6.90
N GLU C 288 -0.47 47.64 -6.54
CA GLU C 288 -0.98 46.28 -6.30
C GLU C 288 -0.84 45.42 -7.54
N ARG C 289 -1.22 45.96 -8.69
CA ARG C 289 -1.13 45.17 -9.91
C ARG C 289 0.34 44.91 -10.25
N PHE C 290 1.15 45.97 -10.25
CA PHE C 290 2.58 45.80 -10.52
C PHE C 290 3.21 44.76 -9.61
N ASP C 291 2.83 44.74 -8.33
CA ASP C 291 3.52 43.84 -7.41
C ASP C 291 3.17 42.38 -7.68
N ARG C 292 1.87 42.09 -7.88
CA ARG C 292 1.47 40.74 -8.24
C ARG C 292 2.17 40.30 -9.52
N PHE C 293 2.14 41.13 -10.55
CA PHE C 293 2.75 40.77 -11.82
C PHE C 293 4.26 40.62 -11.67
N ASN C 294 4.88 41.51 -10.91
CA ASN C 294 6.33 41.51 -10.86
C ASN C 294 6.86 40.30 -10.09
N ALA C 295 6.23 39.94 -8.96
CA ALA C 295 6.71 38.81 -8.18
C ALA C 295 6.72 37.55 -9.03
N CYS C 296 5.70 37.36 -9.85
CA CYS C 296 5.66 36.19 -10.71
C CYS C 296 6.63 36.32 -11.87
N PHE C 297 6.53 37.42 -12.62
CA PHE C 297 7.31 37.52 -13.85
C PHE C 297 8.81 37.50 -13.59
N GLU C 298 9.27 38.10 -12.50
CA GLU C 298 10.72 38.14 -12.30
C GLU C 298 11.26 36.77 -11.87
N SER C 299 10.46 35.98 -11.15
CA SER C 299 10.86 34.62 -10.89
C SER C 299 11.00 33.83 -12.17
N VAL C 300 10.02 33.96 -13.08
CA VAL C 300 10.10 33.23 -14.33
C VAL C 300 11.29 33.71 -15.15
N ALA C 301 11.45 35.03 -15.27
CA ALA C 301 12.52 35.58 -16.08
C ALA C 301 13.90 35.18 -15.54
N THR C 302 14.06 35.17 -14.21
CA THR C 302 15.31 34.70 -13.62
C THR C 302 15.60 33.22 -13.96
N ASN C 303 14.57 32.39 -14.08
CA ASN C 303 14.87 30.98 -14.18
C ASN C 303 15.01 30.48 -15.60
N ILE C 304 14.52 31.24 -16.60
CA ILE C 304 14.36 30.61 -17.90
C ILE C 304 15.72 30.34 -18.56
N ASP C 305 16.74 31.14 -18.26
CA ASP C 305 18.02 30.91 -18.89
C ASP C 305 18.63 29.57 -18.47
N GLU C 306 18.62 29.29 -17.16
CA GLU C 306 19.12 28.00 -16.68
C GLU C 306 18.33 26.85 -17.30
N ILE C 307 17.01 26.99 -17.39
CA ILE C 307 16.20 25.96 -18.02
C ILE C 307 16.53 25.82 -19.50
N TYR C 308 16.64 26.94 -20.22
CA TYR C 308 16.99 26.84 -21.64
C TYR C 308 18.36 26.20 -21.82
N LYS C 309 19.29 26.48 -20.90
CA LYS C 309 20.59 25.83 -20.98
C LYS C 309 20.43 24.33 -20.77
N ALA C 310 19.78 23.94 -19.67
CA ALA C 310 19.57 22.53 -19.40
C ALA C 310 18.90 21.83 -20.56
N LEU C 311 17.81 22.42 -21.08
CA LEU C 311 17.06 21.77 -22.17
C LEU C 311 17.93 21.60 -23.40
N SER C 312 18.74 22.60 -23.73
CA SER C 312 19.61 22.50 -24.88
C SER C 312 20.78 21.55 -24.64
N ARG C 313 21.10 21.27 -23.38
CA ARG C 313 22.33 20.59 -23.00
C ARG C 313 23.56 21.29 -23.60
N ASN C 314 23.50 22.63 -23.64
CA ASN C 314 24.57 23.43 -24.22
C ASN C 314 24.70 24.73 -23.47
N SER C 315 25.93 25.08 -23.07
CA SER C 315 26.15 26.26 -22.24
C SER C 315 26.06 27.56 -23.01
N SER C 316 26.32 27.52 -24.33
CA SER C 316 26.21 28.73 -25.12
C SER C 316 24.77 29.18 -25.32
N ALA C 317 23.79 28.35 -24.99
CA ALA C 317 22.39 28.76 -25.13
C ALA C 317 22.05 29.86 -24.14
N GLN C 318 21.27 30.84 -24.59
CA GLN C 318 20.80 31.89 -23.71
C GLN C 318 19.35 32.19 -24.01
N ALA C 319 18.62 32.64 -22.98
CA ALA C 319 17.23 33.03 -23.13
C ALA C 319 16.93 34.21 -22.23
N PHE C 320 15.98 35.04 -22.65
CA PHE C 320 15.71 36.29 -21.97
C PHE C 320 14.25 36.67 -22.15
N LEU C 321 13.57 36.98 -21.04
CA LEU C 321 12.25 37.62 -21.07
C LEU C 321 12.40 39.08 -20.65
N GLY C 322 11.64 39.94 -21.30
CA GLY C 322 11.70 41.36 -21.03
C GLY C 322 10.45 42.09 -21.49
N PRO C 323 9.88 42.88 -20.59
CA PRO C 323 8.63 43.60 -20.93
C PRO C 323 8.87 44.73 -21.91
N GLU C 324 7.89 44.95 -22.79
CA GLU C 324 7.92 46.14 -23.61
C GLU C 324 7.88 47.40 -22.75
N ASN C 325 7.10 47.36 -21.66
CA ASN C 325 6.85 48.52 -20.79
C ASN C 325 7.30 48.18 -19.39
N PRO C 326 8.57 48.46 -19.04
CA PRO C 326 9.08 48.06 -17.72
C PRO C 326 8.38 48.69 -16.52
N GLU C 327 7.77 49.87 -16.68
CA GLU C 327 7.06 50.46 -15.55
C GLU C 327 5.71 49.79 -15.32
N GLU C 328 4.97 49.52 -16.40
CA GLU C 328 3.68 48.84 -16.31
C GLU C 328 3.71 47.68 -17.30
N PRO C 329 4.33 46.57 -16.90
CA PRO C 329 4.49 45.43 -17.81
C PRO C 329 3.19 44.81 -18.23
N TYR C 330 2.18 44.81 -17.34
CA TYR C 330 0.87 44.30 -17.71
C TYR C 330 0.27 45.07 -18.88
N LEU C 331 0.63 46.35 -19.02
CA LEU C 331 0.04 47.17 -20.08
C LEU C 331 0.53 46.81 -21.47
N ASP C 332 1.61 46.05 -21.59
CA ASP C 332 2.16 45.77 -22.89
C ASP C 332 2.64 44.33 -22.91
N GLY C 333 3.34 43.97 -23.98
CA GLY C 333 3.73 42.59 -24.21
C GLY C 333 5.00 42.19 -23.50
N ILE C 334 5.23 40.88 -23.48
CA ILE C 334 6.44 40.32 -22.90
C ILE C 334 7.28 39.76 -24.04
N ASN C 335 8.43 40.38 -24.25
CA ASN C 335 9.34 39.94 -25.29
C ASN C 335 10.18 38.76 -24.83
N TYR C 336 10.52 37.91 -25.78
CA TYR C 336 11.19 36.64 -25.54
C TYR C 336 12.22 36.49 -26.64
N ASN C 337 13.49 36.59 -26.27
CA ASN C 337 14.60 36.42 -27.20
C ASN C 337 15.47 35.28 -26.70
N CYS C 338 16.10 34.57 -27.63
CA CYS C 338 16.97 33.46 -27.28
CA CYS C 338 17.04 33.55 -27.20
C CYS C 338 18.22 33.49 -28.15
N VAL C 339 19.29 32.93 -27.62
CA VAL C 339 20.47 32.61 -28.40
C VAL C 339 20.51 31.09 -28.45
N ALA C 340 19.94 30.51 -29.51
CA ALA C 340 20.00 29.07 -29.70
C ALA C 340 21.42 28.66 -30.02
N PRO C 341 21.77 27.39 -29.80
CA PRO C 341 23.13 26.94 -30.10
C PRO C 341 23.51 27.24 -31.54
N GLY C 342 24.67 27.86 -31.70
CA GLY C 342 25.19 28.22 -33.01
C GLY C 342 24.58 29.46 -33.62
N LYS C 343 23.52 30.02 -33.04
CA LYS C 343 22.75 31.07 -33.67
C LYS C 343 22.91 32.37 -32.88
N ARG C 344 22.22 33.42 -33.34
CA ARG C 344 22.38 34.78 -32.84
C ARG C 344 21.14 35.24 -32.08
N PHE C 345 21.35 36.17 -31.14
CA PHE C 345 20.29 36.84 -30.39
C PHE C 345 19.11 37.16 -31.30
N ARG C 346 17.97 36.53 -31.07
CA ARG C 346 16.81 36.69 -31.96
C ARG C 346 15.54 36.53 -31.15
N PRO C 347 14.46 37.22 -31.53
CA PRO C 347 13.15 36.90 -30.95
C PRO C 347 12.79 35.45 -31.25
N MET C 348 12.24 34.75 -30.24
CA MET C 348 12.00 33.32 -30.41
C MET C 348 10.94 33.03 -31.48
N ASP C 349 10.06 34.01 -31.78
CA ASP C 349 9.21 33.96 -32.96
C ASP C 349 9.99 33.55 -34.20
N ASN C 350 11.18 34.13 -34.40
CA ASN C 350 11.97 33.86 -35.60
C ASN C 350 12.38 32.39 -35.72
N LEU C 351 12.41 31.64 -34.63
CA LEU C 351 13.03 30.32 -34.65
C LEU C 351 12.16 29.30 -35.41
N SER C 352 12.81 28.23 -35.85
CA SER C 352 12.19 27.23 -36.71
C SER C 352 12.12 25.89 -35.99
N GLY C 353 10.98 25.21 -36.17
CA GLY C 353 10.81 23.83 -35.75
C GLY C 353 11.42 23.45 -34.42
N GLY C 354 12.48 22.63 -34.47
CA GLY C 354 13.06 22.13 -33.23
C GLY C 354 13.56 23.23 -32.32
N GLU C 355 14.32 24.18 -32.88
CA GLU C 355 14.82 25.30 -32.08
C GLU C 355 13.69 26.09 -31.45
N LYS C 356 12.58 26.24 -32.17
CA LYS C 356 11.45 26.94 -31.58
C LYS C 356 10.81 26.11 -30.48
N THR C 357 10.75 24.79 -30.66
CA THR C 357 10.06 23.95 -29.68
C THR C 357 10.79 23.98 -28.34
N VAL C 358 12.13 23.91 -28.36
CA VAL C 358 12.84 23.92 -27.09
C VAL C 358 12.74 25.28 -26.43
N ALA C 359 12.65 26.34 -27.23
CA ALA C 359 12.40 27.66 -26.63
C ALA C 359 11.04 27.67 -25.95
N ALA C 360 10.02 27.17 -26.63
CA ALA C 360 8.69 27.04 -26.02
C ALA C 360 8.74 26.18 -24.76
N LEU C 361 9.45 25.05 -24.82
CA LEU C 361 9.59 24.22 -23.62
C LEU C 361 10.23 25.00 -22.47
N ALA C 362 11.30 25.74 -22.75
CA ALA C 362 11.93 26.54 -21.71
C ALA C 362 10.94 27.51 -21.07
N LEU C 363 10.13 28.18 -21.89
CA LEU C 363 9.12 29.07 -21.33
C LEU C 363 8.11 28.29 -20.49
N LEU C 364 7.60 27.18 -21.02
CA LEU C 364 6.61 26.41 -20.28
C LEU C 364 7.16 25.98 -18.93
N PHE C 365 8.36 25.39 -18.92
CA PHE C 365 8.89 24.96 -17.63
C PHE C 365 9.26 26.15 -16.77
N ALA C 366 9.65 27.28 -17.38
CA ALA C 366 9.96 28.46 -16.57
C ALA C 366 8.69 28.99 -15.91
N ILE C 367 7.56 28.97 -16.63
CA ILE C 367 6.29 29.35 -16.03
C ILE C 367 5.95 28.45 -14.86
N HIS C 368 6.02 27.12 -15.08
CA HIS C 368 5.69 26.22 -14.00
C HIS C 368 6.73 26.24 -12.89
N SER C 369 7.90 26.82 -13.12
CA SER C 369 8.84 26.96 -12.02
C SER C 369 8.39 27.99 -11.00
N TYR C 370 7.33 28.75 -11.28
CA TYR C 370 6.86 29.76 -10.33
C TYR C 370 5.86 29.09 -9.40
N LYS C 371 6.22 28.98 -8.13
CA LYS C 371 5.39 28.31 -7.15
C LYS C 371 4.91 26.95 -7.66
N PRO C 372 5.82 26.02 -7.93
CA PRO C 372 5.40 24.74 -8.52
C PRO C 372 4.55 23.91 -7.56
N ALA C 373 3.64 23.15 -8.13
CA ALA C 373 2.96 22.11 -7.38
C ALA C 373 3.95 21.00 -6.99
N PRO C 374 3.70 20.29 -5.89
CA PRO C 374 4.63 19.22 -5.49
C PRO C 374 4.86 18.16 -6.55
N PHE C 375 3.86 17.85 -7.35
CA PHE C 375 4.06 16.91 -8.44
C PHE C 375 3.52 17.50 -9.72
N PHE C 376 3.92 16.90 -10.82
CA PHE C 376 3.72 17.45 -12.15
C PHE C 376 3.30 16.30 -13.06
N VAL C 377 2.06 16.30 -13.54
CA VAL C 377 1.61 15.26 -14.46
C VAL C 377 1.77 15.78 -15.89
N LEU C 378 2.63 15.12 -16.67
CA LEU C 378 2.85 15.50 -18.06
C LEU C 378 2.16 14.49 -18.95
N ASP C 379 1.08 14.93 -19.62
CA ASP C 379 0.24 14.06 -20.46
C ASP C 379 0.64 14.19 -21.93
N GLN C 380 1.53 13.30 -22.37
CA GLN C 380 1.86 13.12 -23.78
C GLN C 380 2.35 14.41 -24.42
N ILE C 381 3.10 15.19 -23.65
CA ILE C 381 3.65 16.41 -24.24
C ILE C 381 4.84 16.12 -25.11
N ASP C 382 5.29 14.87 -25.16
CA ASP C 382 6.38 14.48 -26.04
C ASP C 382 5.88 13.99 -27.39
N ALA C 383 4.56 14.00 -27.63
CA ALA C 383 4.04 13.66 -28.96
C ALA C 383 4.35 14.73 -29.98
N ALA C 384 4.88 15.87 -29.55
CA ALA C 384 5.38 16.88 -30.46
C ALA C 384 6.78 16.55 -30.95
N LEU C 385 7.64 16.14 -30.03
CA LEU C 385 9.08 16.22 -30.20
C LEU C 385 9.61 15.18 -31.18
N ASP C 386 10.93 15.04 -31.21
CA ASP C 386 11.64 14.24 -32.21
C ASP C 386 12.94 13.74 -31.59
N ASN C 387 13.63 12.86 -32.32
CA ASN C 387 14.92 12.37 -31.82
C ASN C 387 16.05 13.40 -31.98
N THR C 388 15.74 14.64 -32.36
CA THR C 388 16.70 15.72 -32.21
C THR C 388 16.72 16.27 -30.79
N ASN C 389 15.66 16.02 -30.00
CA ASN C 389 15.53 16.72 -28.73
C ASN C 389 14.58 16.06 -27.74
N ILE C 390 13.89 14.99 -28.15
CA ILE C 390 12.96 14.35 -27.21
C ILE C 390 13.71 13.85 -25.99
N GLY C 391 14.94 13.36 -26.18
CA GLY C 391 15.77 12.96 -25.07
C GLY C 391 16.30 14.11 -24.26
N LYS C 392 16.32 15.32 -24.84
CA LYS C 392 16.70 16.50 -24.09
C LYS C 392 15.72 16.71 -22.96
N VAL C 393 14.46 16.99 -23.32
CA VAL C 393 13.37 17.11 -22.35
C VAL C 393 13.38 15.96 -21.35
N ALA C 394 13.58 14.73 -21.83
CA ALA C 394 13.57 13.58 -20.93
C ALA C 394 14.66 13.70 -19.88
N ASN C 395 15.83 14.19 -20.29
CA ASN C 395 16.92 14.29 -19.33
C ASN C 395 16.75 15.50 -18.41
N TYR C 396 16.12 16.55 -18.90
CA TYR C 396 15.78 17.67 -18.04
C TYR C 396 14.84 17.22 -16.93
N ILE C 397 13.79 16.46 -17.28
CA ILE C 397 12.86 15.94 -16.29
C ILE C 397 13.57 15.00 -15.32
N LYS C 398 14.43 14.13 -15.83
CA LYS C 398 15.23 13.27 -14.95
C LYS C 398 16.02 14.12 -13.96
N GLU C 399 16.75 15.13 -14.45
CA GLU C 399 17.50 16.00 -13.55
C GLU C 399 16.56 16.71 -12.56
N GLN C 400 15.53 17.34 -13.08
CA GLN C 400 14.67 18.11 -12.19
C GLN C 400 13.92 17.25 -11.19
N SER C 401 13.60 16.00 -11.52
CA SER C 401 12.80 15.24 -10.58
C SER C 401 13.61 14.75 -9.38
N THR C 402 14.93 14.85 -9.42
CA THR C 402 15.70 14.42 -8.25
C THR C 402 15.47 15.31 -7.04
N CYS C 403 15.13 16.59 -7.26
CA CYS C 403 14.99 17.50 -6.13
C CYS C 403 13.79 18.45 -6.22
N ASN C 404 13.51 18.98 -7.41
CA ASN C 404 12.58 20.11 -7.46
C ASN C 404 11.10 19.69 -7.46
N PHE C 405 10.74 18.66 -8.19
CA PHE C 405 9.34 18.25 -8.22
C PHE C 405 9.23 16.79 -8.66
N GLN C 406 8.13 16.16 -8.24
CA GLN C 406 7.83 14.81 -8.70
C GLN C 406 7.21 14.88 -10.09
N ALA C 407 7.75 14.10 -11.03
CA ALA C 407 7.24 14.02 -12.39
C ALA C 407 6.47 12.72 -12.62
N ILE C 408 5.25 12.86 -13.15
CA ILE C 408 4.42 11.74 -13.55
C ILE C 408 4.11 11.95 -15.02
N VAL C 409 4.67 11.12 -15.89
CA VAL C 409 4.55 11.35 -17.33
C VAL C 409 3.84 10.16 -17.98
N ILE C 410 2.85 10.47 -18.81
CA ILE C 410 2.20 9.51 -19.69
C ILE C 410 2.79 9.70 -21.07
N SER C 411 3.52 8.71 -21.57
CA SER C 411 4.14 8.87 -22.89
C SER C 411 4.04 7.59 -23.70
N LEU C 412 4.03 7.77 -25.02
CA LEU C 412 4.11 6.69 -25.98
C LEU C 412 5.50 6.55 -26.58
N LYS C 413 6.42 7.44 -26.23
CA LYS C 413 7.74 7.46 -26.84
C LYS C 413 8.74 6.89 -25.85
N GLU C 414 9.49 5.87 -26.28
CA GLU C 414 10.42 5.21 -25.39
C GLU C 414 11.69 6.03 -25.14
N GLU C 415 12.06 6.92 -26.05
CA GLU C 415 13.20 7.80 -25.75
C GLU C 415 12.92 8.66 -24.54
N PHE C 416 11.64 8.96 -24.28
CA PHE C 416 11.25 9.67 -23.08
C PHE C 416 11.19 8.74 -21.87
N TYR C 417 10.35 7.70 -21.92
CA TYR C 417 10.02 7.00 -20.68
C TYR C 417 11.12 6.05 -20.22
N THR C 418 12.17 5.81 -21.02
CA THR C 418 13.29 5.04 -20.51
C THR C 418 14.14 5.81 -19.50
N LYS C 419 13.92 7.11 -19.34
CA LYS C 419 14.66 7.87 -18.34
C LYS C 419 13.97 7.88 -17.00
N ALA C 420 12.78 7.31 -16.91
CA ALA C 420 12.09 7.30 -15.64
C ALA C 420 12.70 6.25 -14.71
N GLU C 421 12.54 6.48 -13.41
CA GLU C 421 12.91 5.46 -12.43
C GLU C 421 11.91 4.32 -12.40
N SER C 422 10.67 4.59 -12.77
CA SER C 422 9.58 3.66 -12.56
C SER C 422 8.69 3.65 -13.78
N LEU C 423 8.31 2.46 -14.24
CA LEU C 423 7.29 2.30 -15.26
C LEU C 423 6.04 1.75 -14.61
N ILE C 424 4.90 2.39 -14.86
CA ILE C 424 3.60 1.80 -14.55
C ILE C 424 3.03 1.38 -15.89
N GLY C 425 2.99 0.08 -16.15
CA GLY C 425 2.48 -0.44 -17.39
C GLY C 425 1.02 -0.81 -17.29
N VAL C 426 0.24 -0.40 -18.28
CA VAL C 426 -1.18 -0.64 -18.36
C VAL C 426 -1.44 -1.67 -19.44
N TYR C 427 -2.29 -2.65 -19.15
CA TYR C 427 -2.66 -3.67 -20.13
C TYR C 427 -4.15 -3.94 -20.02
N PRO C 428 -4.77 -4.37 -21.12
CA PRO C 428 -6.22 -4.60 -21.09
C PRO C 428 -6.56 -6.07 -20.93
N GLU C 429 -7.75 -6.34 -20.40
CA GLU C 429 -8.27 -7.68 -20.25
C GLU C 429 -9.69 -7.72 -20.78
N GLN C 430 -10.13 -8.91 -21.16
CA GLN C 430 -11.37 -9.07 -21.91
C GLN C 430 -12.56 -9.10 -20.95
N GLY C 431 -13.22 -7.94 -20.82
CA GLY C 431 -14.41 -7.81 -19.99
C GLY C 431 -15.58 -7.39 -20.85
N ASP C 432 -16.71 -7.02 -20.23
CA ASP C 432 -17.83 -6.49 -21.02
C ASP C 432 -17.40 -5.24 -21.76
N CYS C 433 -16.83 -4.28 -21.04
CA CYS C 433 -16.05 -3.22 -21.65
C CYS C 433 -14.59 -3.60 -21.58
N VAL C 434 -13.73 -2.60 -21.62
CA VAL C 434 -12.31 -2.83 -21.36
C VAL C 434 -12.08 -2.85 -19.86
N ILE C 435 -11.34 -3.84 -19.39
CA ILE C 435 -10.83 -3.86 -18.02
C ILE C 435 -9.34 -3.54 -18.08
N SER C 436 -8.92 -2.52 -17.32
CA SER C 436 -7.50 -2.16 -17.23
C SER C 436 -6.86 -2.76 -15.99
N LYS C 437 -5.61 -3.18 -16.12
CA LYS C 437 -4.82 -3.50 -14.93
C LYS C 437 -3.42 -2.92 -15.11
N VAL C 438 -2.64 -2.88 -14.01
CA VAL C 438 -1.30 -2.29 -14.08
C VAL C 438 -0.23 -3.27 -13.63
N LEU C 439 0.95 -3.08 -14.19
CA LEU C 439 2.16 -3.68 -13.68
C LEU C 439 3.11 -2.55 -13.31
N THR C 440 3.94 -2.79 -12.29
CA THR C 440 4.98 -1.84 -11.91
C THR C 440 6.35 -2.44 -12.18
N PHE C 441 7.23 -1.64 -12.78
CA PHE C 441 8.55 -2.10 -13.20
C PHE C 441 9.58 -1.03 -12.83
N ASP C 442 10.71 -1.46 -12.26
CA ASP C 442 11.73 -0.54 -11.76
C ASP C 442 12.92 -0.51 -12.71
N LEU C 443 13.20 0.67 -13.27
CA LEU C 443 14.22 0.81 -14.30
C LEU C 443 15.59 1.16 -13.76
N THR C 444 15.72 1.45 -12.46
CA THR C 444 17.01 1.92 -11.95
C THR C 444 18.00 0.78 -11.80
N LYS C 445 17.54 -0.46 -11.66
CA LYS C 445 18.38 -1.66 -11.67
C LYS C 445 19.24 -1.79 -12.92
N TYR C 446 19.08 -0.93 -13.92
CA TYR C 446 19.73 -1.12 -15.20
C TYR C 446 20.53 0.11 -15.60
N PRO C 447 21.57 -0.07 -16.42
CA PRO C 447 22.34 1.09 -16.91
C PRO C 447 21.89 1.53 -18.29
N ASP C 448 22.59 2.49 -18.89
CA ASP C 448 22.19 2.98 -20.22
C ASP C 448 23.09 2.49 -21.33
N MET D 7 9.68 -12.04 -29.89
CA MET D 7 9.81 -12.29 -28.44
C MET D 7 8.92 -13.46 -27.98
N LEU D 8 7.73 -13.57 -28.58
CA LEU D 8 6.85 -14.71 -28.29
C LEU D 8 7.53 -16.03 -28.64
N HIS D 9 8.30 -16.05 -29.73
CA HIS D 9 9.01 -17.27 -30.10
C HIS D 9 10.02 -17.67 -29.03
N GLY D 10 10.74 -16.69 -28.48
CA GLY D 10 11.65 -17.00 -27.39
C GLY D 10 10.93 -17.62 -26.20
N LEU D 11 9.71 -17.17 -25.94
CA LEU D 11 8.92 -17.76 -24.86
C LEU D 11 8.45 -19.17 -25.21
N GLN D 12 7.88 -19.35 -26.41
CA GLN D 12 7.36 -20.66 -26.81
C GLN D 12 8.45 -21.71 -26.75
N ARG D 13 9.61 -21.39 -27.35
CA ARG D 13 10.76 -22.27 -27.21
C ARG D 13 11.08 -22.52 -25.74
N ALA D 14 11.22 -21.45 -24.96
CA ALA D 14 11.57 -21.56 -23.54
C ALA D 14 10.66 -22.54 -22.80
N LEU D 15 9.39 -22.62 -23.18
CA LEU D 15 8.48 -23.59 -22.59
C LEU D 15 8.30 -24.80 -23.49
N GLU D 21 7.31 -24.06 -17.45
CA GLU D 21 6.10 -23.68 -16.72
C GLU D 21 5.77 -22.17 -16.86
N SER D 22 6.78 -21.32 -16.73
CA SER D 22 6.54 -19.89 -16.74
C SER D 22 7.86 -19.17 -16.99
N ILE D 23 7.77 -17.88 -17.32
CA ILE D 23 8.94 -17.08 -17.60
C ILE D 23 8.98 -15.88 -16.67
N SER D 24 10.16 -15.62 -16.11
CA SER D 24 10.37 -14.48 -15.22
C SER D 24 10.89 -13.30 -16.03
N LEU D 25 10.13 -12.20 -16.02
CA LEU D 25 10.60 -10.98 -16.69
C LEU D 25 11.95 -10.52 -16.14
N LEU D 26 12.14 -10.58 -14.81
CA LEU D 26 13.38 -10.07 -14.24
C LEU D 26 14.59 -10.86 -14.74
N GLU D 27 14.44 -12.17 -14.90
CA GLU D 27 15.54 -12.95 -15.46
C GLU D 27 15.76 -12.60 -16.93
N LEU D 28 14.67 -12.39 -17.68
CA LEU D 28 14.81 -11.98 -19.07
C LEU D 28 15.60 -10.67 -19.18
N CYS D 29 15.58 -9.86 -18.15
CA CYS D 29 16.28 -8.58 -18.18
C CYS D 29 17.62 -8.64 -17.48
N ARG D 30 18.07 -9.83 -17.06
CA ARG D 30 19.07 -9.92 -15.99
C ARG D 30 20.35 -9.18 -16.33
N ASN D 31 20.68 -8.99 -17.60
CA ASN D 31 21.90 -8.25 -17.94
C ASN D 31 21.66 -7.27 -19.06
N THR D 32 20.59 -6.50 -18.97
CA THR D 32 20.22 -5.58 -20.03
C THR D 32 20.46 -4.13 -19.61
N ASN D 33 20.19 -3.21 -20.52
CA ASN D 33 20.18 -1.80 -20.20
C ASN D 33 18.74 -1.28 -20.13
N ARG D 34 18.61 -0.03 -19.68
CA ARG D 34 17.29 0.57 -19.50
C ARG D 34 16.41 0.45 -20.75
N LYS D 35 16.99 0.72 -21.91
CA LYS D 35 16.18 0.73 -23.12
C LYS D 35 15.65 -0.67 -23.43
N GLN D 36 16.50 -1.70 -23.29
CA GLN D 36 16.08 -3.05 -23.59
C GLN D 36 15.14 -3.62 -22.53
N ALA D 37 15.44 -3.41 -21.25
CA ALA D 37 14.55 -3.89 -20.19
C ALA D 37 13.16 -3.31 -20.35
N ALA D 38 13.06 -1.99 -20.55
CA ALA D 38 11.75 -1.38 -20.79
C ALA D 38 11.04 -1.98 -22.00
N ALA D 39 11.78 -2.42 -23.02
CA ALA D 39 11.13 -2.99 -24.19
C ALA D 39 10.60 -4.39 -23.91
N LYS D 40 11.28 -5.16 -23.06
CA LYS D 40 10.77 -6.47 -22.68
C LYS D 40 9.55 -6.33 -21.79
N PHE D 41 9.62 -5.40 -20.83
CA PHE D 41 8.44 -5.08 -20.04
C PHE D 41 7.29 -4.67 -20.95
N TYR D 42 7.58 -3.85 -21.97
CA TYR D 42 6.52 -3.35 -22.83
C TYR D 42 5.93 -4.47 -23.65
N SER D 43 6.79 -5.33 -24.21
CA SER D 43 6.30 -6.48 -24.97
C SER D 43 5.41 -7.39 -24.12
N PHE D 44 5.72 -7.53 -22.82
CA PHE D 44 4.84 -8.31 -21.95
C PHE D 44 3.42 -7.76 -21.97
N LEU D 45 3.27 -6.43 -21.88
CA LEU D 45 1.93 -5.88 -21.92
C LEU D 45 1.25 -6.17 -23.25
N VAL D 46 2.02 -6.19 -24.33
CA VAL D 46 1.44 -6.40 -25.66
C VAL D 46 0.98 -7.84 -25.83
N LEU D 47 1.86 -8.79 -25.55
CA LEU D 47 1.48 -10.19 -25.63
C LEU D 47 0.29 -10.47 -24.71
N LYS D 48 0.17 -9.71 -23.63
CA LYS D 48 -0.99 -9.87 -22.77
C LYS D 48 -2.25 -9.29 -23.42
N LYS D 49 -2.12 -8.12 -24.04
CA LYS D 49 -3.25 -7.55 -24.76
C LYS D 49 -3.71 -8.48 -25.86
N GLN D 50 -2.76 -9.11 -26.56
CA GLN D 50 -3.07 -10.08 -27.61
C GLN D 50 -3.41 -11.47 -27.07
N GLN D 51 -3.42 -11.66 -25.75
CA GLN D 51 -3.75 -12.93 -25.11
C GLN D 51 -2.77 -14.05 -25.45
N ALA D 52 -1.52 -13.73 -25.76
CA ALA D 52 -0.54 -14.78 -25.97
C ALA D 52 0.00 -15.32 -24.66
N ILE D 53 0.06 -14.50 -23.61
CA ILE D 53 0.57 -14.91 -22.31
C ILE D 53 -0.45 -14.50 -21.27
N GLU D 54 -0.31 -15.07 -20.08
CA GLU D 54 -0.94 -14.57 -18.87
C GLU D 54 0.13 -13.95 -17.97
N LEU D 55 -0.26 -12.98 -17.13
CA LEU D 55 0.69 -12.20 -16.33
C LEU D 55 0.35 -12.28 -14.85
N THR D 56 1.39 -12.46 -14.04
CA THR D 56 1.26 -12.52 -12.59
C THR D 56 2.30 -11.59 -11.96
N GLN D 57 1.88 -10.78 -11.00
CA GLN D 57 2.81 -9.94 -10.24
C GLN D 57 2.33 -9.93 -8.80
N GLU D 58 3.14 -10.50 -7.91
CA GLU D 58 2.69 -10.73 -6.56
C GLU D 58 2.40 -9.42 -5.83
N GLU D 59 3.28 -8.44 -5.95
CA GLU D 59 3.15 -7.18 -5.26
C GLU D 59 3.84 -6.13 -6.12
N PRO D 60 3.57 -4.85 -5.87
CA PRO D 60 4.19 -3.81 -6.70
C PRO D 60 5.71 -3.93 -6.66
N TYR D 61 6.30 -3.91 -7.85
CA TYR D 61 7.74 -3.98 -8.08
C TYR D 61 8.32 -5.35 -7.77
N SER D 62 7.47 -6.35 -7.49
CA SER D 62 7.93 -7.72 -7.54
C SER D 62 8.06 -8.18 -8.99
N ASP D 63 8.68 -9.34 -9.14
CA ASP D 63 8.84 -9.96 -10.46
C ASP D 63 7.49 -10.14 -11.15
N ILE D 64 7.53 -10.10 -12.47
CA ILE D 64 6.34 -10.29 -13.30
C ILE D 64 6.52 -11.59 -14.06
N ILE D 65 5.64 -12.56 -13.81
CA ILE D 65 5.76 -13.91 -14.37
C ILE D 65 4.78 -14.06 -15.51
N ALA D 66 5.26 -14.61 -16.62
CA ALA D 66 4.42 -14.91 -17.77
C ALA D 66 4.15 -16.42 -17.85
N THR D 67 2.90 -16.77 -18.10
CA THR D 67 2.51 -18.14 -18.39
C THR D 67 1.74 -18.14 -19.70
N PRO D 68 1.69 -19.29 -20.39
CA PRO D 68 1.03 -19.33 -21.71
C PRO D 68 -0.42 -18.90 -21.63
N GLY D 69 -0.85 -18.17 -22.66
CA GLY D 69 -2.20 -17.64 -22.71
C GLY D 69 -3.03 -18.35 -23.78
N PRO D 70 -4.31 -17.98 -23.87
CA PRO D 70 -5.21 -18.68 -24.81
C PRO D 70 -4.70 -18.73 -26.24
N ARG D 71 -3.92 -17.76 -26.65
CA ARG D 71 -3.45 -17.70 -28.03
C ARG D 71 -1.94 -17.82 -28.08
N PHE D 72 -1.37 -18.47 -27.06
CA PHE D 72 0.08 -18.62 -26.94
C PHE D 72 0.73 -19.08 -28.24
N HIS D 73 -0.02 -19.81 -29.08
CA HIS D 73 0.52 -20.41 -30.29
C HIS D 73 -0.23 -19.96 -31.55
N GLY D 74 -0.74 -18.73 -31.59
CA GLY D 74 -1.56 -18.30 -32.72
C GLY D 74 -1.19 -17.00 -33.42
PB ADP E . -1.30 -4.42 20.81
O1B ADP E . -2.50 -4.01 21.66
O2B ADP E . -0.14 -4.76 21.73
O3B ADP E . -1.64 -5.68 20.01
PA ADP E . 0.01 -3.27 18.39
O1A ADP E . -0.86 -3.04 17.17
O2A ADP E . 0.72 -4.58 18.17
O3A ADP E . -0.90 -3.19 19.78
O5' ADP E . 1.13 -2.06 18.43
C5' ADP E . 0.68 -0.82 18.84
C4' ADP E . 1.46 0.20 18.24
O4' ADP E . 2.32 -0.23 17.08
C3' ADP E . 0.52 1.31 17.63
O3' ADP E . 0.67 2.54 18.50
C2' ADP E . 0.97 1.55 16.50
O2' ADP E . 0.99 3.02 16.27
C1' ADP E . 2.50 0.91 16.50
N9 ADP E . 3.07 0.80 15.16
C8 ADP E . 2.53 0.17 14.12
N7 ADP E . 3.34 0.29 13.07
C5 ADP E . 4.43 1.01 13.41
C6 ADP E . 5.61 1.47 12.77
N6 ADP E . 5.90 1.19 11.37
N1 ADP E . 6.51 2.19 13.44
C2 ADP E . 6.30 2.48 14.72
N3 ADP E . 5.20 2.06 15.35
C4 ADP E . 4.24 1.33 14.74
PB ADP F . -5.43 4.61 -23.85
O1B ADP F . -5.40 6.03 -23.35
O2B ADP F . -5.04 4.59 -25.32
O3B ADP F . -4.40 3.80 -23.06
PA ADP F . -8.16 4.72 -22.77
O1A ADP F . -7.74 5.05 -21.36
O2A ADP F . -8.52 6.04 -23.42
O3A ADP F . -6.96 3.99 -23.65
O5' ADP F . -9.54 3.82 -22.81
C5' ADP F . -9.54 2.53 -22.31
C4' ADP F . -10.81 1.93 -22.48
O4' ADP F . -11.72 2.14 -21.29
C3' ADP F . -11.65 2.51 -23.68
O3' ADP F . -11.96 1.31 -24.54
C2' ADP F . -12.70 2.97 -23.17
O2' ADP F . -13.90 2.78 -24.05
C1' ADP F . -12.90 2.13 -21.79
N9 ADP F . -13.74 2.81 -20.83
C8 ADP F . -13.83 4.11 -20.62
N7 ADP F . -14.69 4.33 -19.62
C5 ADP F . -15.14 3.15 -19.17
C6 ADP F . -16.05 2.72 -18.17
N6 ADP F . -16.73 3.68 -17.32
N1 ADP F . -16.28 1.41 -17.99
C2 ADP F . -15.66 0.50 -18.75
N3 ADP F . -14.80 0.87 -19.70
C4 ADP F . -14.52 2.17 -19.94
#